data_1XYC
#
_entry.id   1XYC
#
_cell.length_a   87.700
_cell.length_b   99.300
_cell.length_c   94.300
_cell.angle_alpha   90.00
_cell.angle_beta   90.00
_cell.angle_gamma   90.00
#
_symmetry.space_group_name_H-M   'P 21 21 2'
#
loop_
_entity.id
_entity.type
_entity.pdbx_description
1 polymer 'XYLOSE ISOMERASE'
2 non-polymer '3-O-METHYLFRUCTOSE IN LINEAR FORM'
3 non-polymer 'MAGNESIUM ION'
4 water water
#
_entity_poly.entity_id   1
_entity_poly.type   'polypeptide(L)'
_entity_poly.pdbx_seq_one_letter_code
;SYQPTPEDRFTFGLWTVGWQGRDPFGDATRPALDPVETVQRLAELGAHGVTFHDDDLIPFGSSDTERESHIKRFRQALDA
TGMTVPMATTNLFTHPVFKDGGFTANDRDVRRYALRKTIRNIDLAVELGAKTYVAWGGREGAESGAAKDVRVALDRMKEA
FDLLGEYVTSQGYDTRFAIEPKPNEPRGDILLPTVGHALAFIERLERPELYGVNPEVGHEQMAGLNFPHGIAQALWAGKL
FHIDLNGQSGIKYDQDLRFGAGDLRAAFWLVDLLESAGYEGPRHFDFKPPRTEDIDGVWASAAGCMRNYLILKERAAAFR
ADPEVQEALRASRLDELAQPTAADGVQELLADRTAFEDFDVDAAAARGMAFERLDQLAMDHLLGAR
;
_entity_poly.pdbx_strand_id   A,B
#
loop_
_chem_comp.id
_chem_comp.type
_chem_comp.name
_chem_comp.formula
3MF saccharide '3-O-METHYLFRUCTOSE IN LINEAR FORM' 'C7 H14 O6'
MG non-polymer 'MAGNESIUM ION' 'Mg 2'
#
# COMPACT_ATOMS: atom_id res chain seq x y z
N SER A 1 -24.46 -19.45 17.40
CA SER A 1 -25.01 -18.23 16.83
C SER A 1 -24.78 -18.17 15.29
N TYR A 2 -25.72 -17.74 14.41
CA TYR A 2 -25.47 -17.46 12.97
C TYR A 2 -24.67 -18.49 12.17
N GLN A 3 -25.24 -19.66 11.88
CA GLN A 3 -24.46 -20.70 11.21
C GLN A 3 -24.59 -20.68 9.70
N PRO A 4 -23.51 -20.73 8.92
CA PRO A 4 -23.58 -20.83 7.47
C PRO A 4 -24.28 -22.09 6.96
N THR A 5 -25.07 -21.91 5.92
CA THR A 5 -25.79 -22.98 5.23
C THR A 5 -25.43 -22.94 3.75
N PRO A 6 -25.64 -23.99 2.91
CA PRO A 6 -25.22 -24.03 1.52
C PRO A 6 -25.96 -23.01 0.70
N GLU A 7 -27.16 -22.64 1.12
CA GLU A 7 -27.99 -21.66 0.45
C GLU A 7 -27.44 -20.26 0.63
N ASP A 8 -26.51 -20.04 1.59
CA ASP A 8 -25.86 -18.74 1.72
C ASP A 8 -24.80 -18.49 0.65
N ARG A 9 -24.40 -19.57 -0.06
CA ARG A 9 -23.48 -19.52 -1.20
C ARG A 9 -22.11 -18.88 -0.94
N PHE A 10 -21.62 -19.15 0.26
CA PHE A 10 -20.29 -18.74 0.66
C PHE A 10 -19.19 -19.58 0.01
N THR A 11 -18.26 -18.91 -0.68
CA THR A 11 -17.16 -19.61 -1.31
C THR A 11 -15.87 -18.90 -0.94
N PHE A 12 -14.77 -19.62 -1.14
CA PHE A 12 -13.44 -19.15 -0.76
C PHE A 12 -12.43 -19.64 -1.78
N GLY A 13 -11.38 -18.87 -2.09
CA GLY A 13 -10.35 -19.37 -2.98
C GLY A 13 -9.39 -20.25 -2.22
N LEU A 14 -8.77 -21.20 -2.91
CA LEU A 14 -7.72 -22.03 -2.29
C LEU A 14 -6.55 -21.20 -1.74
N TRP A 15 -6.28 -20.07 -2.41
CA TRP A 15 -5.22 -19.15 -2.03
C TRP A 15 -5.51 -18.27 -0.80
N THR A 16 -6.73 -18.28 -0.22
CA THR A 16 -7.07 -17.38 0.86
C THR A 16 -6.70 -18.08 2.16
N VAL A 17 -7.40 -19.14 2.59
CA VAL A 17 -6.99 -19.90 3.76
C VAL A 17 -5.62 -20.56 3.55
N GLY A 18 -5.25 -20.76 2.27
CA GLY A 18 -3.99 -21.34 1.88
C GLY A 18 -2.82 -20.37 1.91
N TRP A 19 -3.00 -19.06 2.15
CA TRP A 19 -1.89 -18.12 2.24
C TRP A 19 -0.94 -18.50 3.37
N GLN A 20 0.31 -18.68 2.96
CA GLN A 20 1.39 -19.01 3.89
C GLN A 20 1.97 -17.86 4.68
N GLY A 21 1.65 -16.62 4.39
CA GLY A 21 2.13 -15.52 5.21
C GLY A 21 3.33 -14.78 4.65
N ARG A 22 3.82 -15.14 3.47
CA ARG A 22 4.93 -14.44 2.85
C ARG A 22 4.47 -13.06 2.39
N ASP A 23 5.15 -12.03 2.85
CA ASP A 23 4.78 -10.68 2.49
C ASP A 23 6.00 -9.89 1.98
N PRO A 24 5.99 -8.61 1.56
CA PRO A 24 7.18 -7.91 1.04
C PRO A 24 8.38 -7.89 1.99
N PHE A 25 8.15 -7.88 3.30
CA PHE A 25 9.22 -7.86 4.29
C PHE A 25 9.39 -9.15 5.08
N GLY A 26 8.88 -10.29 4.65
CA GLY A 26 8.98 -11.46 5.51
C GLY A 26 8.57 -12.72 4.84
N ASP A 27 9.20 -13.70 5.42
CA ASP A 27 8.98 -15.09 5.02
C ASP A 27 7.69 -15.68 5.53
N ALA A 28 7.33 -16.84 4.94
CA ALA A 28 6.14 -17.60 5.33
C ALA A 28 6.10 -17.97 6.81
N THR A 29 4.93 -17.83 7.45
CA THR A 29 4.71 -18.23 8.84
C THR A 29 3.90 -19.54 8.97
N ARG A 30 3.32 -20.03 7.87
CA ARG A 30 2.52 -21.23 7.86
C ARG A 30 3.01 -22.18 6.79
N PRO A 31 2.88 -23.50 6.99
CA PRO A 31 3.06 -24.49 5.93
C PRO A 31 2.03 -24.47 4.82
N ALA A 32 2.39 -24.99 3.64
CA ALA A 32 1.44 -25.06 2.54
C ALA A 32 0.29 -26.01 2.88
N LEU A 33 -0.92 -25.67 2.47
CA LEU A 33 -2.08 -26.50 2.71
C LEU A 33 -2.31 -27.36 1.50
N ASP A 34 -2.76 -28.58 1.72
CA ASP A 34 -3.14 -29.45 0.63
C ASP A 34 -4.55 -29.04 0.18
N PRO A 35 -4.86 -28.82 -1.11
CA PRO A 35 -6.19 -28.48 -1.61
C PRO A 35 -7.30 -29.38 -1.11
N VAL A 36 -6.98 -30.68 -0.98
CA VAL A 36 -7.92 -31.68 -0.52
C VAL A 36 -8.29 -31.37 0.91
N GLU A 37 -7.30 -31.05 1.77
CA GLU A 37 -7.63 -30.70 3.14
C GLU A 37 -8.43 -29.40 3.24
N THR A 38 -8.14 -28.44 2.35
CA THR A 38 -8.88 -27.20 2.30
C THR A 38 -10.33 -27.46 1.89
N VAL A 39 -10.66 -28.29 0.90
CA VAL A 39 -12.03 -28.59 0.54
C VAL A 39 -12.79 -29.22 1.72
N GLN A 40 -12.12 -30.11 2.47
CA GLN A 40 -12.73 -30.75 3.63
C GLN A 40 -12.96 -29.86 4.80
N ARG A 41 -12.03 -28.98 5.12
CA ARG A 41 -12.25 -28.12 6.25
C ARG A 41 -13.26 -27.04 5.94
N LEU A 42 -13.28 -26.54 4.71
CA LEU A 42 -14.25 -25.54 4.32
C LEU A 42 -15.63 -26.16 4.26
N ALA A 43 -15.84 -27.38 3.75
CA ALA A 43 -17.16 -28.00 3.79
C ALA A 43 -17.65 -28.17 5.22
N GLU A 44 -16.75 -28.46 6.18
CA GLU A 44 -17.12 -28.56 7.58
C GLU A 44 -17.55 -27.25 8.20
N LEU A 45 -16.92 -26.13 7.76
CA LEU A 45 -17.27 -24.79 8.21
C LEU A 45 -18.59 -24.30 7.67
N GLY A 46 -19.16 -24.94 6.65
CA GLY A 46 -20.44 -24.52 6.10
C GLY A 46 -20.30 -23.78 4.80
N ALA A 47 -19.11 -23.76 4.18
CA ALA A 47 -18.93 -23.11 2.87
C ALA A 47 -19.60 -23.95 1.81
N HIS A 48 -19.98 -23.34 0.71
CA HIS A 48 -20.64 -23.99 -0.40
C HIS A 48 -19.70 -24.33 -1.54
N GLY A 49 -18.58 -23.65 -1.67
CA GLY A 49 -17.73 -23.97 -2.81
C GLY A 49 -16.38 -23.35 -2.66
N VAL A 50 -15.50 -23.75 -3.57
CA VAL A 50 -14.13 -23.25 -3.59
C VAL A 50 -13.83 -22.75 -5.00
N THR A 51 -12.88 -21.83 -5.13
CA THR A 51 -12.40 -21.35 -6.43
C THR A 51 -10.88 -21.59 -6.45
N PHE A 52 -10.25 -21.39 -7.60
CA PHE A 52 -8.82 -21.62 -7.67
C PHE A 52 -8.24 -20.86 -8.85
N HIS A 53 -6.94 -20.62 -8.76
CA HIS A 53 -6.09 -20.22 -9.89
C HIS A 53 -5.52 -21.56 -10.30
N ASP A 54 -5.21 -21.70 -11.59
CA ASP A 54 -4.51 -22.88 -12.10
C ASP A 54 -3.28 -23.22 -11.30
N ASP A 55 -2.38 -22.27 -10.98
CA ASP A 55 -1.19 -22.61 -10.20
C ASP A 55 -1.50 -22.95 -8.75
N ASP A 56 -2.71 -22.75 -8.21
CA ASP A 56 -2.98 -23.21 -6.86
C ASP A 56 -3.24 -24.72 -6.93
N LEU A 57 -3.86 -25.23 -8.00
CA LEU A 57 -4.17 -26.65 -8.11
C LEU A 57 -3.02 -27.48 -8.65
N ILE A 58 -2.41 -26.99 -9.72
CA ILE A 58 -1.36 -27.69 -10.43
C ILE A 58 -0.13 -26.81 -10.38
N PRO A 59 0.96 -27.26 -9.74
CA PRO A 59 2.22 -26.52 -9.62
C PRO A 59 2.72 -26.12 -11.00
N PHE A 60 3.14 -24.86 -11.13
CA PHE A 60 3.70 -24.39 -12.38
C PHE A 60 4.86 -25.33 -12.73
N GLY A 61 4.86 -25.77 -14.00
CA GLY A 61 5.88 -26.67 -14.48
C GLY A 61 5.51 -28.15 -14.41
N SER A 62 4.33 -28.55 -13.89
CA SER A 62 3.91 -29.94 -13.86
C SER A 62 3.66 -30.51 -15.26
N SER A 63 4.19 -31.73 -15.41
CA SER A 63 3.99 -32.51 -16.63
C SER A 63 2.52 -32.90 -16.67
N ASP A 64 2.01 -33.29 -17.85
CA ASP A 64 0.61 -33.71 -17.95
C ASP A 64 0.21 -34.94 -17.14
N THR A 65 1.21 -35.67 -16.63
CA THR A 65 1.03 -36.78 -15.71
C THR A 65 0.73 -36.27 -14.30
N GLU A 66 1.60 -35.36 -13.83
CA GLU A 66 1.48 -34.79 -12.51
C GLU A 66 0.25 -33.90 -12.46
N ARG A 67 -0.08 -33.24 -13.58
CA ARG A 67 -1.24 -32.39 -13.64
C ARG A 67 -2.50 -33.22 -13.39
N GLU A 68 -2.59 -34.37 -14.09
CA GLU A 68 -3.72 -35.30 -14.04
C GLU A 68 -4.00 -35.78 -12.62
N SER A 69 -2.94 -36.12 -11.91
CA SER A 69 -3.05 -36.59 -10.55
C SER A 69 -3.59 -35.55 -9.56
N HIS A 70 -3.19 -34.29 -9.79
CA HIS A 70 -3.57 -33.17 -8.95
C HIS A 70 -5.03 -32.89 -9.08
N ILE A 71 -5.42 -32.84 -10.34
CA ILE A 71 -6.78 -32.60 -10.73
C ILE A 71 -7.63 -33.73 -10.20
N LYS A 72 -7.14 -34.96 -10.36
CA LYS A 72 -7.84 -36.15 -9.90
C LYS A 72 -8.07 -36.15 -8.40
N ARG A 73 -7.09 -35.85 -7.55
CA ARG A 73 -7.30 -35.79 -6.11
C ARG A 73 -8.33 -34.74 -5.66
N PHE A 74 -8.23 -33.60 -6.37
CA PHE A 74 -9.06 -32.46 -6.11
C PHE A 74 -10.50 -32.88 -6.37
N ARG A 75 -10.75 -33.43 -7.57
CA ARG A 75 -12.10 -33.83 -7.95
C ARG A 75 -12.67 -34.89 -7.02
N GLN A 76 -11.85 -35.78 -6.45
CA GLN A 76 -12.32 -36.72 -5.46
C GLN A 76 -12.75 -36.03 -4.16
N ALA A 77 -12.02 -34.98 -3.74
CA ALA A 77 -12.40 -34.25 -2.55
C ALA A 77 -13.76 -33.57 -2.77
N LEU A 78 -13.95 -32.96 -3.92
CA LEU A 78 -15.20 -32.29 -4.23
C LEU A 78 -16.39 -33.25 -4.25
N ASP A 79 -16.22 -34.35 -4.98
CA ASP A 79 -17.27 -35.34 -5.10
C ASP A 79 -17.67 -35.92 -3.75
N ALA A 80 -16.70 -36.10 -2.84
CA ALA A 80 -16.98 -36.64 -1.53
C ALA A 80 -17.69 -35.67 -0.59
N THR A 81 -17.58 -34.37 -0.85
CA THR A 81 -18.15 -33.38 0.06
C THR A 81 -19.40 -32.71 -0.49
N GLY A 82 -19.61 -32.83 -1.80
CA GLY A 82 -20.65 -32.07 -2.45
C GLY A 82 -20.25 -30.60 -2.67
N MET A 83 -18.97 -30.20 -2.49
CA MET A 83 -18.51 -28.83 -2.72
C MET A 83 -18.55 -28.54 -4.20
N THR A 84 -18.92 -27.31 -4.57
CA THR A 84 -18.97 -26.88 -5.95
C THR A 84 -17.76 -25.99 -6.27
N VAL A 85 -17.54 -25.74 -7.57
CA VAL A 85 -16.47 -24.86 -8.05
C VAL A 85 -17.15 -23.82 -8.93
N PRO A 86 -17.62 -22.72 -8.35
CA PRO A 86 -18.39 -21.69 -9.06
C PRO A 86 -17.62 -20.79 -10.03
N MET A 87 -16.31 -20.66 -9.75
CA MET A 87 -15.49 -19.75 -10.47
C MET A 87 -14.07 -20.23 -10.42
N ALA A 88 -13.31 -19.83 -11.44
CA ALA A 88 -11.88 -20.14 -11.53
C ALA A 88 -11.17 -19.02 -12.26
N THR A 89 -9.84 -18.96 -12.17
CA THR A 89 -9.05 -17.86 -12.70
C THR A 89 -7.66 -18.40 -13.00
N THR A 90 -6.86 -17.58 -13.64
CA THR A 90 -5.52 -17.93 -14.05
C THR A 90 -4.55 -17.11 -13.18
N ASN A 91 -3.37 -17.63 -12.87
CA ASN A 91 -2.35 -16.85 -12.23
C ASN A 91 -1.49 -16.32 -13.39
N LEU A 92 -1.63 -15.02 -13.71
CA LEU A 92 -0.79 -14.34 -14.71
C LEU A 92 0.04 -13.26 -13.98
N PHE A 93 0.51 -13.51 -12.75
CA PHE A 93 1.24 -12.52 -11.97
C PHE A 93 2.42 -13.03 -11.16
N THR A 94 2.45 -14.30 -10.71
CA THR A 94 3.52 -14.81 -9.87
C THR A 94 4.82 -15.11 -10.58
N HIS A 95 4.77 -15.81 -11.70
CA HIS A 95 5.99 -16.21 -12.36
C HIS A 95 6.69 -15.00 -12.93
N PRO A 96 8.04 -14.87 -12.83
CA PRO A 96 8.79 -13.75 -13.36
C PRO A 96 8.57 -13.48 -14.84
N VAL A 97 8.13 -14.41 -15.71
CA VAL A 97 7.85 -14.09 -17.09
C VAL A 97 6.72 -13.05 -17.16
N PHE A 98 5.87 -12.92 -16.12
CA PHE A 98 4.77 -11.96 -16.14
C PHE A 98 5.14 -10.64 -15.44
N LYS A 99 6.43 -10.30 -15.25
CA LYS A 99 6.86 -9.07 -14.56
C LYS A 99 6.34 -7.80 -15.23
N ASP A 100 6.06 -7.81 -16.55
CA ASP A 100 5.47 -6.68 -17.22
C ASP A 100 4.05 -6.88 -17.69
N GLY A 101 3.42 -7.93 -17.20
CA GLY A 101 2.04 -8.19 -17.61
C GLY A 101 1.92 -9.54 -18.29
N GLY A 102 0.67 -9.89 -18.46
CA GLY A 102 0.32 -11.09 -19.17
C GLY A 102 -0.28 -10.64 -20.49
N PHE A 103 -1.51 -10.14 -20.51
CA PHE A 103 -2.15 -9.73 -21.74
C PHE A 103 -1.60 -8.47 -22.35
N THR A 104 -0.90 -7.61 -21.58
CA THR A 104 -0.39 -6.32 -22.07
C THR A 104 1.12 -6.17 -21.85
N ALA A 105 1.79 -7.32 -21.70
CA ALA A 105 3.24 -7.34 -21.71
C ALA A 105 3.74 -6.72 -23.02
N ASN A 106 4.81 -5.93 -23.02
CA ASN A 106 5.35 -5.36 -24.26
C ASN A 106 5.84 -6.43 -25.21
N ASP A 107 6.38 -7.55 -24.69
CA ASP A 107 6.82 -8.67 -25.52
C ASP A 107 5.66 -9.51 -26.02
N ARG A 108 5.53 -9.55 -27.35
CA ARG A 108 4.47 -10.31 -27.98
C ARG A 108 4.46 -11.76 -27.59
N ASP A 109 5.61 -12.41 -27.48
CA ASP A 109 5.57 -13.82 -27.18
C ASP A 109 5.06 -14.10 -25.77
N VAL A 110 5.18 -13.13 -24.86
CA VAL A 110 4.67 -13.33 -23.51
C VAL A 110 3.17 -13.20 -23.55
N ARG A 111 2.64 -12.31 -24.38
CA ARG A 111 1.20 -12.17 -24.47
C ARG A 111 0.53 -13.44 -25.00
N ARG A 112 1.14 -14.11 -26.01
CA ARG A 112 0.65 -15.35 -26.62
C ARG A 112 0.64 -16.48 -25.60
N TYR A 113 1.74 -16.68 -24.89
CA TYR A 113 1.83 -17.60 -23.77
C TYR A 113 0.76 -17.35 -22.67
N ALA A 114 0.50 -16.10 -22.28
CA ALA A 114 -0.52 -15.73 -21.31
C ALA A 114 -1.88 -16.21 -21.79
N LEU A 115 -2.15 -16.04 -23.08
CA LEU A 115 -3.40 -16.49 -23.67
C LEU A 115 -3.55 -17.99 -23.71
N ARG A 116 -2.47 -18.73 -24.05
CA ARG A 116 -2.48 -20.18 -24.04
C ARG A 116 -2.64 -20.75 -22.62
N LYS A 117 -1.98 -20.17 -21.61
CA LYS A 117 -2.09 -20.58 -20.20
C LYS A 117 -3.53 -20.41 -19.70
N THR A 118 -4.17 -19.28 -20.06
CA THR A 118 -5.57 -19.00 -19.73
C THR A 118 -6.58 -19.98 -20.40
N ILE A 119 -6.52 -20.21 -21.72
CA ILE A 119 -7.43 -21.10 -22.44
C ILE A 119 -7.36 -22.51 -21.85
N ARG A 120 -6.15 -22.96 -21.52
CA ARG A 120 -5.99 -24.25 -20.88
C ARG A 120 -6.76 -24.37 -19.57
N ASN A 121 -6.77 -23.30 -18.77
CA ASN A 121 -7.48 -23.37 -17.52
C ASN A 121 -8.96 -23.14 -17.71
N ILE A 122 -9.38 -22.42 -18.77
CA ILE A 122 -10.81 -22.29 -19.11
C ILE A 122 -11.34 -23.70 -19.39
N ASP A 123 -10.64 -24.59 -20.09
CA ASP A 123 -11.13 -25.96 -20.33
C ASP A 123 -11.34 -26.74 -19.07
N LEU A 124 -10.41 -26.61 -18.12
CA LEU A 124 -10.56 -27.25 -16.83
C LEU A 124 -11.73 -26.68 -16.00
N ALA A 125 -11.85 -25.35 -15.92
CA ALA A 125 -12.93 -24.73 -15.18
C ALA A 125 -14.32 -25.19 -15.61
N VAL A 126 -14.55 -25.20 -16.91
CA VAL A 126 -15.80 -25.63 -17.47
C VAL A 126 -16.08 -27.07 -17.07
N GLU A 127 -15.16 -28.05 -17.08
CA GLU A 127 -15.52 -29.41 -16.70
C GLU A 127 -15.76 -29.61 -15.21
N LEU A 128 -15.17 -28.72 -14.39
CA LEU A 128 -15.41 -28.69 -12.96
C LEU A 128 -16.70 -27.95 -12.61
N GLY A 129 -17.41 -27.33 -13.56
CA GLY A 129 -18.68 -26.68 -13.26
C GLY A 129 -18.62 -25.15 -13.08
N ALA A 130 -17.49 -24.48 -13.28
CA ALA A 130 -17.37 -23.04 -13.11
C ALA A 130 -18.20 -22.31 -14.14
N LYS A 131 -19.02 -21.37 -13.70
CA LYS A 131 -19.77 -20.59 -14.68
C LYS A 131 -19.24 -19.17 -14.88
N THR A 132 -18.33 -18.72 -14.03
CA THR A 132 -17.73 -17.40 -14.12
C THR A 132 -16.24 -17.61 -14.22
N TYR A 133 -15.53 -16.91 -15.11
CA TYR A 133 -14.08 -17.07 -15.22
C TYR A 133 -13.54 -15.66 -14.96
N VAL A 134 -12.73 -15.51 -13.90
CA VAL A 134 -12.21 -14.20 -13.49
C VAL A 134 -10.83 -13.89 -14.05
N ALA A 135 -10.70 -12.62 -14.43
CA ALA A 135 -9.45 -12.06 -14.89
C ALA A 135 -9.02 -10.92 -13.97
N TRP A 136 -7.95 -11.09 -13.18
CA TRP A 136 -7.38 -10.02 -12.38
C TRP A 136 -6.04 -9.72 -13.07
N GLY A 137 -5.95 -8.59 -13.77
CA GLY A 137 -4.73 -8.20 -14.47
C GLY A 137 -3.77 -7.47 -13.55
N GLY A 138 -3.23 -8.20 -12.57
CA GLY A 138 -2.38 -7.61 -11.52
C GLY A 138 -1.08 -7.01 -12.00
N ARG A 139 -0.53 -7.59 -13.05
CA ARG A 139 0.70 -7.09 -13.62
C ARG A 139 0.47 -6.19 -14.82
N GLU A 140 -0.75 -5.84 -15.21
CA GLU A 140 -0.94 -4.98 -16.37
C GLU A 140 -0.82 -3.53 -15.94
N GLY A 141 0.23 -2.79 -16.28
CA GLY A 141 0.34 -1.41 -15.84
C GLY A 141 1.78 -0.99 -15.93
N ALA A 142 2.18 -0.10 -15.00
CA ALA A 142 3.53 0.46 -15.05
C ALA A 142 3.86 1.20 -13.78
N GLU A 143 5.18 1.44 -13.63
CA GLU A 143 5.69 2.29 -12.56
C GLU A 143 6.17 3.62 -13.14
N SER A 144 6.29 3.74 -14.46
CA SER A 144 6.81 4.93 -15.11
C SER A 144 6.04 5.21 -16.40
N GLY A 145 5.99 6.47 -16.83
CA GLY A 145 5.08 6.86 -17.89
C GLY A 145 5.44 6.42 -19.27
N ALA A 146 6.70 6.32 -19.72
CA ALA A 146 6.96 5.90 -21.11
C ALA A 146 7.07 4.38 -21.29
N ALA A 147 7.03 3.64 -20.18
CA ALA A 147 7.10 2.21 -20.19
C ALA A 147 5.88 1.56 -20.83
N LYS A 148 4.76 2.25 -20.87
CA LYS A 148 3.55 1.66 -21.42
C LYS A 148 2.81 2.73 -22.14
N ASP A 149 2.49 2.55 -23.42
CA ASP A 149 1.59 3.45 -24.10
C ASP A 149 0.25 2.89 -23.70
N VAL A 150 -0.63 3.60 -22.98
CA VAL A 150 -1.87 3.01 -22.50
C VAL A 150 -2.92 2.80 -23.55
N ARG A 151 -2.97 3.63 -24.59
CA ARG A 151 -3.92 3.40 -25.66
C ARG A 151 -3.60 2.12 -26.40
N VAL A 152 -2.33 1.78 -26.61
CA VAL A 152 -1.96 0.56 -27.34
C VAL A 152 -2.16 -0.65 -26.45
N ALA A 153 -1.87 -0.52 -25.15
CA ALA A 153 -2.10 -1.58 -24.18
C ALA A 153 -3.60 -1.87 -24.05
N LEU A 154 -4.50 -0.90 -24.20
CA LEU A 154 -5.92 -1.21 -24.20
C LEU A 154 -6.37 -1.93 -25.46
N ASP A 155 -5.68 -1.70 -26.59
CA ASP A 155 -5.90 -2.47 -27.81
C ASP A 155 -5.54 -3.92 -27.58
N ARG A 156 -4.38 -4.15 -26.96
CA ARG A 156 -3.93 -5.48 -26.64
C ARG A 156 -4.80 -6.15 -25.59
N MET A 157 -5.33 -5.38 -24.65
CA MET A 157 -6.18 -5.95 -23.64
C MET A 157 -7.52 -6.29 -24.30
N LYS A 158 -8.02 -5.44 -25.21
CA LYS A 158 -9.27 -5.73 -25.90
C LYS A 158 -9.05 -6.93 -26.80
N GLU A 159 -7.90 -7.01 -27.43
CA GLU A 159 -7.64 -8.12 -28.30
C GLU A 159 -7.63 -9.42 -27.49
N ALA A 160 -7.00 -9.48 -26.31
CA ALA A 160 -6.95 -10.70 -25.54
C ALA A 160 -8.34 -11.18 -25.11
N PHE A 161 -9.17 -10.28 -24.59
CA PHE A 161 -10.52 -10.62 -24.17
C PHE A 161 -11.41 -10.95 -25.34
N ASP A 162 -11.23 -10.36 -26.53
CA ASP A 162 -12.01 -10.77 -27.70
C ASP A 162 -11.66 -12.16 -28.20
N LEU A 163 -10.38 -12.54 -28.10
CA LEU A 163 -9.93 -13.88 -28.50
C LEU A 163 -10.45 -14.91 -27.50
N LEU A 164 -10.51 -14.58 -26.21
CA LEU A 164 -11.04 -15.49 -25.24
C LEU A 164 -12.54 -15.69 -25.48
N GLY A 165 -13.24 -14.63 -25.89
CA GLY A 165 -14.65 -14.66 -26.19
C GLY A 165 -14.93 -15.46 -27.45
N GLU A 166 -14.04 -15.40 -28.42
CA GLU A 166 -14.21 -16.12 -29.66
C GLU A 166 -14.01 -17.60 -29.34
N TYR A 167 -13.00 -17.93 -28.53
CA TYR A 167 -12.72 -19.28 -28.16
C TYR A 167 -13.90 -19.91 -27.40
N VAL A 168 -14.54 -19.30 -26.37
CA VAL A 168 -15.60 -19.99 -25.65
C VAL A 168 -16.89 -20.08 -26.46
N THR A 169 -17.11 -19.16 -27.39
CA THR A 169 -18.25 -19.17 -28.29
C THR A 169 -18.14 -20.36 -29.29
N SER A 170 -16.96 -20.67 -29.82
CA SER A 170 -16.78 -21.73 -30.78
C SER A 170 -16.78 -23.08 -30.11
N GLN A 171 -16.45 -23.10 -28.84
CA GLN A 171 -16.53 -24.33 -28.07
C GLN A 171 -17.95 -24.53 -27.57
N GLY A 172 -18.84 -23.54 -27.70
CA GLY A 172 -20.19 -23.65 -27.16
C GLY A 172 -20.20 -23.75 -25.62
N TYR A 173 -19.23 -23.13 -24.93
CA TYR A 173 -19.16 -23.18 -23.46
C TYR A 173 -20.08 -22.16 -22.83
N ASP A 174 -20.67 -22.57 -21.71
CA ASP A 174 -21.56 -21.69 -20.96
C ASP A 174 -20.75 -21.04 -19.83
N THR A 175 -19.90 -20.05 -20.13
CA THR A 175 -19.06 -19.46 -19.11
C THR A 175 -18.96 -17.99 -19.49
N ARG A 176 -19.04 -17.14 -18.49
CA ARG A 176 -18.94 -15.71 -18.67
C ARG A 176 -17.64 -15.23 -18.00
N PHE A 177 -17.08 -14.08 -18.44
CA PHE A 177 -15.89 -13.53 -17.85
C PHE A 177 -16.25 -12.39 -16.94
N ALA A 178 -15.49 -12.30 -15.88
CA ALA A 178 -15.60 -11.20 -14.97
C ALA A 178 -14.22 -10.57 -14.77
N ILE A 179 -14.08 -9.26 -15.04
CA ILE A 179 -12.87 -8.49 -14.86
C ILE A 179 -12.87 -8.00 -13.42
N GLU A 180 -11.76 -8.23 -12.77
CA GLU A 180 -11.58 -7.79 -11.42
C GLU A 180 -10.69 -6.55 -11.40
N PRO A 181 -11.21 -5.35 -11.13
CA PRO A 181 -10.41 -4.12 -11.01
C PRO A 181 -9.51 -4.00 -9.76
N LYS A 182 -8.39 -3.26 -9.82
CA LYS A 182 -7.57 -2.96 -8.66
C LYS A 182 -6.75 -1.72 -9.04
N PRO A 183 -6.67 -0.64 -8.24
CA PRO A 183 -6.08 0.60 -8.72
C PRO A 183 -4.56 0.51 -8.77
N ASN A 184 -3.93 -0.26 -7.86
CA ASN A 184 -2.47 -0.39 -7.78
C ASN A 184 -2.12 -1.61 -6.96
N GLU A 185 -0.82 -1.92 -6.96
CA GLU A 185 -0.19 -3.03 -6.28
C GLU A 185 -0.53 -4.41 -6.88
N PRO A 186 0.38 -5.14 -7.50
CA PRO A 186 1.82 -4.90 -7.45
C PRO A 186 2.45 -3.87 -8.39
N ARG A 187 1.76 -3.31 -9.39
CA ARG A 187 2.28 -2.30 -10.30
C ARG A 187 2.00 -0.95 -9.72
N GLY A 188 2.74 0.09 -10.09
CA GLY A 188 2.52 1.41 -9.54
C GLY A 188 1.12 1.86 -9.80
N ASP A 189 0.61 1.57 -11.00
CA ASP A 189 -0.75 1.85 -11.38
C ASP A 189 -1.16 0.70 -12.24
N ILE A 190 -2.33 0.10 -11.98
CA ILE A 190 -2.84 -1.00 -12.79
C ILE A 190 -3.87 -0.45 -13.78
N LEU A 191 -3.89 -1.03 -14.99
CA LEU A 191 -4.85 -0.71 -16.05
C LEU A 191 -6.23 -1.16 -15.62
N LEU A 192 -7.28 -0.38 -15.94
CA LEU A 192 -8.67 -0.57 -15.52
C LEU A 192 -8.72 -0.56 -13.99
N PRO A 193 -8.34 0.57 -13.34
CA PRO A 193 -8.13 0.66 -11.88
C PRO A 193 -9.36 0.56 -11.00
N THR A 194 -10.57 0.82 -11.48
CA THR A 194 -11.77 0.76 -10.66
C THR A 194 -12.86 0.08 -11.46
N VAL A 195 -13.99 -0.20 -10.80
CA VAL A 195 -15.21 -0.78 -11.39
C VAL A 195 -15.66 0.01 -12.58
N GLY A 196 -15.66 1.34 -12.46
CA GLY A 196 -16.15 2.16 -13.54
C GLY A 196 -15.30 2.00 -14.79
N HIS A 197 -13.97 1.96 -14.65
CA HIS A 197 -13.10 1.82 -15.81
C HIS A 197 -13.27 0.48 -16.49
N ALA A 198 -13.45 -0.58 -15.67
CA ALA A 198 -13.68 -1.93 -16.16
C ALA A 198 -15.05 -1.99 -16.85
N LEU A 199 -16.09 -1.34 -16.31
CA LEU A 199 -17.39 -1.31 -16.97
C LEU A 199 -17.35 -0.60 -18.35
N ALA A 200 -16.66 0.54 -18.42
CA ALA A 200 -16.56 1.30 -19.65
C ALA A 200 -15.82 0.49 -20.71
N PHE A 201 -14.75 -0.21 -20.34
CA PHE A 201 -13.98 -1.07 -21.22
C PHE A 201 -14.77 -2.22 -21.88
N ILE A 202 -15.60 -2.92 -21.10
CA ILE A 202 -16.44 -4.02 -21.55
C ILE A 202 -17.32 -3.61 -22.72
N GLU A 203 -17.76 -2.36 -22.67
CA GLU A 203 -18.61 -1.85 -23.72
C GLU A 203 -17.92 -1.70 -25.06
N ARG A 204 -16.59 -1.72 -25.13
CA ARG A 204 -15.84 -1.62 -26.36
C ARG A 204 -15.43 -3.01 -26.82
N LEU A 205 -15.86 -4.10 -26.17
CA LEU A 205 -15.46 -5.44 -26.61
C LEU A 205 -16.40 -5.98 -27.68
N GLU A 206 -15.96 -6.91 -28.53
CA GLU A 206 -16.83 -7.40 -29.59
C GLU A 206 -18.05 -8.12 -29.09
N ARG A 207 -18.02 -8.77 -27.92
CA ARG A 207 -19.19 -9.45 -27.41
C ARG A 207 -19.49 -8.97 -26.00
N PRO A 208 -20.01 -7.75 -25.73
CA PRO A 208 -20.09 -7.15 -24.40
C PRO A 208 -20.80 -8.02 -23.37
N GLU A 209 -21.82 -8.75 -23.85
CA GLU A 209 -22.70 -9.59 -23.05
C GLU A 209 -22.00 -10.72 -22.31
N LEU A 210 -20.85 -11.16 -22.82
CA LEU A 210 -20.02 -12.19 -22.23
C LEU A 210 -19.21 -11.74 -21.03
N TYR A 211 -19.22 -10.46 -20.69
CA TYR A 211 -18.26 -9.89 -19.76
C TYR A 211 -18.94 -9.01 -18.74
N GLY A 212 -18.53 -9.14 -17.50
CA GLY A 212 -19.04 -8.32 -16.41
C GLY A 212 -17.88 -8.04 -15.46
N VAL A 213 -18.14 -7.60 -14.23
CA VAL A 213 -17.08 -7.28 -13.26
C VAL A 213 -17.14 -8.17 -12.01
N ASN A 214 -15.99 -8.35 -11.39
CA ASN A 214 -15.87 -9.00 -10.11
C ASN A 214 -15.18 -7.95 -9.23
N PRO A 215 -15.89 -6.97 -8.68
CA PRO A 215 -15.38 -5.94 -7.79
C PRO A 215 -14.94 -6.50 -6.47
N GLU A 216 -13.92 -5.88 -5.82
CA GLU A 216 -13.50 -6.33 -4.51
C GLU A 216 -13.52 -5.16 -3.58
N VAL A 217 -14.12 -5.35 -2.39
CA VAL A 217 -14.29 -4.35 -1.33
C VAL A 217 -13.03 -3.50 -1.12
N GLY A 218 -11.91 -4.14 -0.73
CA GLY A 218 -10.65 -3.47 -0.42
C GLY A 218 -10.00 -2.80 -1.62
N HIS A 219 -10.23 -3.27 -2.86
CA HIS A 219 -9.67 -2.62 -4.06
C HIS A 219 -10.29 -1.26 -4.34
N GLU A 220 -11.63 -1.08 -4.26
CA GLU A 220 -12.17 0.24 -4.50
C GLU A 220 -11.89 1.15 -3.33
N GLN A 221 -11.73 0.58 -2.13
CA GLN A 221 -11.36 1.37 -0.96
C GLN A 221 -9.92 1.82 -0.96
N MET A 222 -9.05 1.18 -1.78
CA MET A 222 -7.67 1.64 -1.98
C MET A 222 -7.61 2.93 -2.80
N ALA A 223 -8.68 3.29 -3.52
CA ALA A 223 -8.78 4.58 -4.18
C ALA A 223 -9.72 5.50 -3.39
N GLY A 224 -10.07 5.10 -2.15
CA GLY A 224 -10.96 5.90 -1.30
C GLY A 224 -12.40 6.02 -1.81
N LEU A 225 -12.89 5.10 -2.64
CA LEU A 225 -14.21 5.16 -3.22
C LEU A 225 -15.21 4.41 -2.37
N ASN A 226 -16.48 4.71 -2.59
CA ASN A 226 -17.54 4.09 -1.82
C ASN A 226 -17.92 2.79 -2.54
N PHE A 227 -17.55 1.65 -1.94
CA PHE A 227 -17.81 0.35 -2.53
C PHE A 227 -19.30 0.03 -2.75
N PRO A 228 -20.26 0.20 -1.84
CA PRO A 228 -21.68 0.11 -2.14
C PRO A 228 -22.10 0.97 -3.32
N HIS A 229 -21.64 2.21 -3.54
CA HIS A 229 -21.99 2.97 -4.75
C HIS A 229 -21.48 2.34 -6.03
N GLY A 230 -20.24 1.84 -6.03
CA GLY A 230 -19.68 1.16 -7.19
C GLY A 230 -20.48 -0.11 -7.53
N ILE A 231 -20.84 -0.86 -6.50
CA ILE A 231 -21.66 -2.06 -6.70
C ILE A 231 -23.05 -1.67 -7.22
N ALA A 232 -23.69 -0.59 -6.76
CA ALA A 232 -24.99 -0.20 -7.30
C ALA A 232 -24.91 0.21 -8.75
N GLN A 233 -23.82 0.86 -9.18
CA GLN A 233 -23.65 1.11 -10.59
C GLN A 233 -23.41 -0.17 -11.40
N ALA A 234 -22.69 -1.17 -10.90
CA ALA A 234 -22.52 -2.44 -11.59
C ALA A 234 -23.84 -3.17 -11.69
N LEU A 235 -24.70 -3.10 -10.71
CA LEU A 235 -26.00 -3.75 -10.74
C LEU A 235 -26.90 -3.00 -11.68
N TRP A 236 -26.89 -1.67 -11.66
CA TRP A 236 -27.69 -0.87 -12.57
C TRP A 236 -27.33 -1.21 -14.02
N ALA A 237 -26.04 -1.42 -14.32
CA ALA A 237 -25.58 -1.77 -15.66
C ALA A 237 -25.81 -3.26 -15.97
N GLY A 238 -26.28 -4.09 -15.05
CA GLY A 238 -26.50 -5.52 -15.29
C GLY A 238 -25.22 -6.32 -15.35
N LYS A 239 -24.13 -5.87 -14.73
CA LYS A 239 -22.85 -6.48 -14.90
C LYS A 239 -22.23 -7.06 -13.64
N LEU A 240 -22.95 -7.17 -12.50
CA LEU A 240 -22.35 -7.76 -11.32
C LEU A 240 -22.48 -9.28 -11.42
N PHE A 241 -21.44 -9.87 -12.03
CA PHE A 241 -21.34 -11.31 -12.26
C PHE A 241 -20.80 -12.05 -11.07
N HIS A 242 -20.07 -11.37 -10.20
CA HIS A 242 -19.42 -12.01 -9.10
C HIS A 242 -18.97 -10.86 -8.19
N ILE A 243 -18.57 -11.16 -6.96
CA ILE A 243 -18.10 -10.17 -6.02
C ILE A 243 -17.11 -10.80 -5.05
N ASP A 244 -16.09 -10.03 -4.67
CA ASP A 244 -15.09 -10.44 -3.70
C ASP A 244 -15.16 -9.60 -2.45
N LEU A 245 -15.35 -10.31 -1.36
CA LEU A 245 -15.59 -9.71 -0.08
C LEU A 245 -14.39 -9.86 0.85
N ASN A 246 -14.05 -8.74 1.48
CA ASN A 246 -12.97 -8.72 2.48
C ASN A 246 -13.00 -7.39 3.20
N GLY A 247 -11.96 -6.96 3.88
CA GLY A 247 -11.95 -5.67 4.53
C GLY A 247 -10.61 -5.01 4.25
N GLN A 248 -10.65 -3.71 4.43
CA GLN A 248 -9.50 -2.85 4.15
C GLN A 248 -9.67 -1.68 5.08
N SER A 249 -8.61 -1.21 5.73
CA SER A 249 -8.77 -0.04 6.57
C SER A 249 -8.10 1.19 5.97
N GLY A 250 -8.61 1.69 4.86
CA GLY A 250 -8.11 2.92 4.27
C GLY A 250 -7.24 2.72 3.07
N ILE A 251 -6.67 3.86 2.64
CA ILE A 251 -5.82 3.90 1.47
C ILE A 251 -4.40 3.61 1.96
N LYS A 252 -4.01 2.37 1.66
CA LYS A 252 -2.70 1.84 2.00
C LYS A 252 -2.56 0.55 1.22
N TYR A 253 -1.53 -0.27 1.47
CA TYR A 253 -1.36 -1.55 0.78
C TYR A 253 -2.64 -2.36 0.98
N ASP A 254 -2.79 -3.25 0.02
CA ASP A 254 -3.87 -4.21 -0.01
C ASP A 254 -3.87 -5.23 1.17
N GLN A 255 -4.72 -5.06 2.18
CA GLN A 255 -4.73 -5.88 3.38
C GLN A 255 -5.43 -7.22 3.31
N ASP A 256 -6.60 -7.29 2.65
CA ASP A 256 -7.41 -8.51 2.61
C ASP A 256 -7.77 -9.10 3.96
N LEU A 257 -8.25 -8.22 4.82
CA LEU A 257 -8.75 -8.64 6.13
C LEU A 257 -10.01 -9.47 5.95
N ARG A 258 -10.49 -10.19 6.97
CA ARG A 258 -11.71 -10.95 6.80
C ARG A 258 -12.87 -9.96 6.65
N PHE A 259 -13.93 -10.39 5.96
CA PHE A 259 -15.09 -9.56 5.73
C PHE A 259 -15.70 -9.17 7.10
N GLY A 260 -16.02 -7.86 7.17
CA GLY A 260 -16.60 -7.26 8.34
C GLY A 260 -15.58 -6.32 8.97
N ALA A 261 -14.31 -6.70 8.93
CA ALA A 261 -13.24 -5.84 9.42
C ALA A 261 -13.02 -4.73 8.39
N GLY A 262 -12.29 -3.71 8.82
CA GLY A 262 -12.05 -2.58 7.95
C GLY A 262 -13.22 -1.64 8.14
N ASP A 263 -13.90 -1.28 7.06
CA ASP A 263 -15.00 -0.34 7.14
C ASP A 263 -16.27 -1.14 7.31
N LEU A 264 -16.68 -1.18 8.58
CA LEU A 264 -17.83 -1.91 9.03
C LEU A 264 -19.14 -1.33 8.54
N ARG A 265 -19.32 0.00 8.52
CA ARG A 265 -20.55 0.61 8.00
C ARG A 265 -20.70 0.35 6.52
N ALA A 266 -19.60 0.39 5.74
CA ALA A 266 -19.66 0.04 4.33
C ALA A 266 -20.02 -1.41 4.10
N ALA A 267 -19.58 -2.36 4.93
CA ALA A 267 -19.99 -3.77 4.84
C ALA A 267 -21.51 -3.92 5.11
N PHE A 268 -22.06 -3.17 6.08
CA PHE A 268 -23.49 -3.15 6.34
C PHE A 268 -24.28 -2.66 5.12
N TRP A 269 -23.92 -1.51 4.55
CA TRP A 269 -24.59 -0.95 3.37
C TRP A 269 -24.40 -1.83 2.14
N LEU A 270 -23.28 -2.55 2.02
CA LEU A 270 -23.07 -3.51 0.95
C LEU A 270 -24.02 -4.71 1.11
N VAL A 271 -24.15 -5.31 2.31
CA VAL A 271 -25.02 -6.46 2.47
C VAL A 271 -26.48 -6.04 2.25
N ASP A 272 -26.85 -4.88 2.75
CA ASP A 272 -28.17 -4.34 2.52
C ASP A 272 -28.48 -4.25 1.04
N LEU A 273 -27.52 -3.76 0.24
CA LEU A 273 -27.72 -3.59 -1.18
C LEU A 273 -27.80 -4.94 -1.87
N LEU A 274 -26.88 -5.88 -1.57
CA LEU A 274 -26.83 -7.16 -2.23
C LEU A 274 -28.08 -7.94 -1.91
N GLU A 275 -28.55 -7.82 -0.69
CA GLU A 275 -29.71 -8.56 -0.29
C GLU A 275 -30.97 -7.95 -0.83
N SER A 276 -31.13 -6.64 -0.80
CA SER A 276 -32.34 -6.06 -1.35
C SER A 276 -32.37 -6.06 -2.89
N ALA A 277 -31.25 -6.07 -3.61
CA ALA A 277 -31.21 -6.20 -5.08
C ALA A 277 -31.38 -7.66 -5.51
N GLY A 278 -31.42 -8.59 -4.56
CA GLY A 278 -31.56 -10.01 -4.86
C GLY A 278 -30.41 -10.55 -5.72
N TYR A 279 -29.17 -10.16 -5.39
CA TYR A 279 -28.02 -10.68 -6.07
C TYR A 279 -28.00 -12.19 -5.74
N GLU A 280 -27.74 -13.03 -6.74
CA GLU A 280 -27.81 -14.46 -6.53
C GLU A 280 -26.52 -15.20 -6.70
N GLY A 281 -25.41 -14.55 -7.03
CA GLY A 281 -24.15 -15.23 -7.26
C GLY A 281 -23.46 -15.60 -5.96
N PRO A 282 -22.29 -16.16 -6.01
CA PRO A 282 -21.52 -16.46 -4.82
C PRO A 282 -21.15 -15.22 -4.00
N ARG A 283 -21.13 -15.48 -2.70
CA ARG A 283 -20.58 -14.51 -1.78
C ARG A 283 -19.19 -15.06 -1.55
N HIS A 284 -18.24 -14.63 -2.38
CA HIS A 284 -16.86 -15.12 -2.36
C HIS A 284 -15.96 -14.29 -1.44
N PHE A 285 -15.18 -14.93 -0.58
CA PHE A 285 -14.26 -14.22 0.24
C PHE A 285 -12.86 -14.35 -0.34
N ASP A 286 -12.28 -13.20 -0.62
CA ASP A 286 -10.90 -13.17 -1.00
C ASP A 286 -10.18 -12.36 0.05
N PHE A 287 -9.71 -13.09 1.05
CA PHE A 287 -9.09 -12.49 2.22
C PHE A 287 -7.84 -13.30 2.53
N LYS A 288 -7.02 -12.83 3.44
CA LYS A 288 -5.79 -13.49 3.83
C LYS A 288 -5.86 -13.49 5.34
N PRO A 289 -5.87 -14.64 6.02
CA PRO A 289 -5.69 -14.72 7.47
C PRO A 289 -4.37 -14.01 7.81
N PRO A 290 -4.25 -13.00 8.68
CA PRO A 290 -2.98 -12.35 9.04
C PRO A 290 -1.84 -13.32 9.32
N ARG A 291 -0.57 -13.01 9.01
CA ARG A 291 0.49 -13.98 9.18
C ARG A 291 0.88 -14.21 10.64
N THR A 292 0.24 -13.45 11.56
CA THR A 292 0.40 -13.66 12.99
C THR A 292 -0.25 -14.97 13.46
N GLU A 293 -1.16 -15.51 12.65
CA GLU A 293 -1.98 -16.68 13.00
C GLU A 293 -1.42 -18.02 12.59
N ASP A 294 -1.71 -19.03 13.41
CA ASP A 294 -1.46 -20.39 12.99
C ASP A 294 -2.68 -20.94 12.25
N ILE A 295 -2.68 -22.22 11.88
CA ILE A 295 -3.78 -22.82 11.16
C ILE A 295 -5.11 -22.73 11.90
N ASP A 296 -5.18 -22.71 13.23
CA ASP A 296 -6.45 -22.54 13.90
C ASP A 296 -6.98 -21.13 13.77
N GLY A 297 -6.06 -20.17 13.77
CA GLY A 297 -6.40 -18.79 13.52
C GLY A 297 -6.88 -18.66 12.09
N VAL A 298 -6.38 -19.44 11.12
CA VAL A 298 -6.88 -19.42 9.76
C VAL A 298 -8.36 -19.79 9.69
N TRP A 299 -8.79 -20.90 10.32
CA TRP A 299 -10.17 -21.31 10.18
C TRP A 299 -11.07 -20.42 11.00
N ALA A 300 -10.56 -19.81 12.08
CA ALA A 300 -11.31 -18.81 12.83
C ALA A 300 -11.57 -17.51 12.02
N SER A 301 -10.58 -17.05 11.25
CA SER A 301 -10.73 -15.92 10.37
C SER A 301 -11.72 -16.25 9.26
N ALA A 302 -11.66 -17.46 8.68
CA ALA A 302 -12.56 -17.88 7.62
C ALA A 302 -14.01 -18.00 8.09
N ALA A 303 -14.24 -18.55 9.27
CA ALA A 303 -15.56 -18.61 9.90
C ALA A 303 -16.12 -17.21 10.24
N GLY A 304 -15.22 -16.30 10.69
CA GLY A 304 -15.58 -14.91 11.01
C GLY A 304 -16.11 -14.21 9.77
N CYS A 305 -15.56 -14.47 8.57
CA CYS A 305 -16.09 -13.92 7.33
C CYS A 305 -17.58 -14.19 7.12
N MET A 306 -17.95 -15.48 7.22
CA MET A 306 -19.35 -15.87 7.06
C MET A 306 -20.22 -15.35 8.19
N ARG A 307 -19.74 -15.44 9.43
CA ARG A 307 -20.54 -14.96 10.56
C ARG A 307 -20.90 -13.49 10.43
N ASN A 308 -19.92 -12.65 10.06
CA ASN A 308 -20.14 -11.22 9.90
C ASN A 308 -21.13 -10.91 8.80
N TYR A 309 -21.09 -11.67 7.70
CA TYR A 309 -22.08 -11.50 6.65
C TYR A 309 -23.48 -11.80 7.20
N LEU A 310 -23.68 -12.93 7.90
CA LEU A 310 -24.97 -13.27 8.45
C LEU A 310 -25.44 -12.30 9.53
N ILE A 311 -24.61 -11.77 10.44
CA ILE A 311 -25.09 -10.77 11.38
C ILE A 311 -25.47 -9.53 10.57
N LEU A 312 -24.72 -9.09 9.53
CA LEU A 312 -25.11 -7.85 8.87
C LEU A 312 -26.37 -8.00 8.05
N LYS A 313 -26.59 -9.20 7.53
CA LYS A 313 -27.78 -9.53 6.76
C LYS A 313 -29.03 -9.36 7.60
N GLU A 314 -28.91 -9.85 8.84
CA GLU A 314 -29.97 -9.75 9.83
C GLU A 314 -30.20 -8.31 10.25
N ARG A 315 -29.17 -7.50 10.53
CA ARG A 315 -29.38 -6.12 10.93
C ARG A 315 -29.96 -5.28 9.80
N ALA A 316 -29.56 -5.59 8.56
CA ALA A 316 -30.02 -4.84 7.40
C ALA A 316 -31.49 -5.13 7.13
N ALA A 317 -31.84 -6.42 7.16
CA ALA A 317 -33.23 -6.86 7.00
C ALA A 317 -34.11 -6.24 8.07
N ALA A 318 -33.64 -6.17 9.31
CA ALA A 318 -34.34 -5.51 10.39
C ALA A 318 -34.47 -4.00 10.19
N PHE A 319 -33.45 -3.34 9.62
CA PHE A 319 -33.51 -1.91 9.31
C PHE A 319 -34.66 -1.59 8.33
N ARG A 320 -34.68 -2.35 7.23
CA ARG A 320 -35.63 -2.16 6.16
C ARG A 320 -37.09 -2.53 6.53
N ALA A 321 -37.19 -3.50 7.42
CA ALA A 321 -38.46 -3.97 7.89
C ALA A 321 -39.09 -3.10 8.97
N ASP A 322 -38.33 -2.22 9.62
CA ASP A 322 -38.87 -1.39 10.68
C ASP A 322 -39.80 -0.28 10.17
N PRO A 323 -41.06 -0.17 10.65
CA PRO A 323 -42.03 0.85 10.23
C PRO A 323 -41.52 2.25 10.42
N GLU A 324 -40.76 2.46 11.47
CA GLU A 324 -40.18 3.75 11.74
C GLU A 324 -39.11 4.13 10.73
N VAL A 325 -38.34 3.16 10.20
CA VAL A 325 -37.38 3.43 9.14
C VAL A 325 -38.16 3.70 7.89
N GLN A 326 -39.22 2.94 7.61
CA GLN A 326 -40.03 3.19 6.43
C GLN A 326 -40.67 4.57 6.41
N GLU A 327 -41.12 4.99 7.56
CA GLU A 327 -41.63 6.32 7.72
C GLU A 327 -40.52 7.36 7.53
N ALA A 328 -39.32 7.12 8.04
CA ALA A 328 -38.21 8.04 7.87
C ALA A 328 -37.73 8.09 6.41
N LEU A 329 -37.89 7.05 5.59
CA LEU A 329 -37.52 7.08 4.18
C LEU A 329 -38.51 7.94 3.41
N ARG A 330 -39.80 7.93 3.78
CA ARG A 330 -40.81 8.80 3.18
C ARG A 330 -40.53 10.24 3.53
N ALA A 331 -40.16 10.48 4.78
CA ALA A 331 -39.78 11.80 5.22
C ALA A 331 -38.55 12.39 4.52
N SER A 332 -37.59 11.56 4.12
CA SER A 332 -36.39 12.00 3.41
C SER A 332 -36.61 11.92 1.91
N ARG A 333 -37.87 11.66 1.53
CA ARG A 333 -38.38 11.60 0.17
C ARG A 333 -37.72 10.63 -0.75
N LEU A 334 -37.34 9.47 -0.21
CA LEU A 334 -36.80 8.39 -1.04
C LEU A 334 -37.79 7.76 -2.01
N ASP A 335 -39.09 7.86 -1.70
CA ASP A 335 -40.16 7.41 -2.60
C ASP A 335 -40.24 8.36 -3.79
N GLU A 336 -40.06 9.65 -3.54
CA GLU A 336 -40.08 10.63 -4.61
C GLU A 336 -38.87 10.57 -5.58
N LEU A 337 -37.71 10.08 -5.16
CA LEU A 337 -36.59 9.85 -6.05
C LEU A 337 -36.96 8.79 -7.11
N ALA A 338 -37.90 7.89 -6.79
CA ALA A 338 -38.33 6.82 -7.69
C ALA A 338 -39.34 7.25 -8.73
N GLN A 339 -39.94 8.43 -8.55
CA GLN A 339 -40.87 8.94 -9.53
C GLN A 339 -40.09 9.63 -10.66
N PRO A 340 -40.42 9.40 -11.96
CA PRO A 340 -39.84 10.14 -13.10
C PRO A 340 -39.82 11.66 -12.95
N THR A 341 -38.73 12.34 -13.30
CA THR A 341 -38.67 13.79 -13.30
C THR A 341 -39.66 14.46 -14.23
N ALA A 342 -39.82 13.92 -15.43
CA ALA A 342 -40.64 14.58 -16.43
C ALA A 342 -41.03 13.46 -17.33
N ALA A 343 -42.01 12.65 -16.93
CA ALA A 343 -42.46 11.54 -17.74
C ALA A 343 -43.27 12.05 -18.95
N ASP A 344 -43.77 13.28 -18.99
CA ASP A 344 -44.45 13.74 -20.21
C ASP A 344 -43.55 14.47 -21.22
N GLY A 345 -42.23 14.25 -21.07
CA GLY A 345 -41.23 14.74 -22.01
C GLY A 345 -40.84 16.18 -21.78
N VAL A 346 -39.86 16.60 -22.61
CA VAL A 346 -39.28 17.92 -22.44
C VAL A 346 -40.21 19.08 -22.80
N GLN A 347 -41.14 18.92 -23.76
CA GLN A 347 -42.09 19.97 -24.09
C GLN A 347 -43.12 20.29 -23.00
N GLU A 348 -43.62 19.28 -22.27
CA GLU A 348 -44.44 19.48 -21.06
C GLU A 348 -43.62 20.25 -20.01
N LEU A 349 -42.37 19.80 -19.76
CA LEU A 349 -41.49 20.42 -18.81
C LEU A 349 -41.28 21.89 -19.11
N LEU A 350 -41.01 22.17 -20.38
CA LEU A 350 -40.76 23.53 -20.83
C LEU A 350 -41.95 24.44 -20.66
N ALA A 351 -43.14 23.88 -20.85
CA ALA A 351 -44.37 24.64 -20.72
C ALA A 351 -44.75 24.90 -19.28
N ASP A 352 -44.30 24.03 -18.38
CA ASP A 352 -44.68 24.10 -17.01
C ASP A 352 -44.07 25.28 -16.25
N ARG A 353 -44.95 26.24 -15.95
CA ARG A 353 -44.56 27.42 -15.19
C ARG A 353 -44.09 27.10 -13.79
N THR A 354 -44.67 26.08 -13.18
CA THR A 354 -44.30 25.70 -11.83
C THR A 354 -42.91 25.08 -11.76
N ALA A 355 -42.37 24.59 -12.88
CA ALA A 355 -41.01 24.06 -12.91
C ALA A 355 -39.99 25.18 -12.99
N PHE A 356 -40.37 26.46 -13.20
CA PHE A 356 -39.35 27.50 -13.28
C PHE A 356 -39.79 28.91 -12.89
N GLU A 357 -40.67 29.43 -13.74
CA GLU A 357 -41.23 30.76 -13.62
C GLU A 357 -41.87 31.06 -12.26
N ASP A 358 -42.69 30.09 -11.81
CA ASP A 358 -43.42 30.15 -10.54
C ASP A 358 -42.93 29.18 -9.47
N PHE A 359 -41.70 28.61 -9.58
CA PHE A 359 -41.19 27.68 -8.57
C PHE A 359 -40.72 28.51 -7.39
N ASP A 360 -41.20 28.19 -6.18
CA ASP A 360 -40.73 28.87 -5.01
C ASP A 360 -39.48 28.17 -4.47
N VAL A 361 -38.37 28.72 -4.96
CA VAL A 361 -37.05 28.21 -4.71
C VAL A 361 -36.64 28.28 -3.24
N ASP A 362 -37.07 29.29 -2.50
CA ASP A 362 -36.72 29.39 -1.08
C ASP A 362 -37.59 28.51 -0.19
N ALA A 363 -38.82 28.17 -0.60
CA ALA A 363 -39.63 27.23 0.17
C ALA A 363 -38.99 25.88 0.01
N ALA A 364 -38.63 25.55 -1.23
CA ALA A 364 -37.98 24.29 -1.47
C ALA A 364 -36.60 24.18 -0.80
N ALA A 365 -35.86 25.29 -0.78
CA ALA A 365 -34.52 25.36 -0.20
C ALA A 365 -34.59 25.12 1.29
N ALA A 366 -35.67 25.56 1.91
CA ALA A 366 -35.80 25.43 3.34
C ALA A 366 -36.27 24.07 3.83
N ARG A 367 -36.72 23.13 2.99
CA ARG A 367 -37.12 21.81 3.47
C ARG A 367 -35.90 21.06 3.95
N GLY A 368 -35.94 20.52 5.16
CA GLY A 368 -34.82 19.73 5.64
C GLY A 368 -34.89 18.33 5.06
N MET A 369 -33.78 17.66 4.78
CA MET A 369 -33.86 16.34 4.20
C MET A 369 -34.09 15.26 5.24
N ALA A 370 -33.92 15.52 6.56
CA ALA A 370 -34.12 14.51 7.63
C ALA A 370 -33.23 13.27 7.47
N PHE A 371 -32.03 13.48 6.90
CA PHE A 371 -31.05 12.41 6.66
C PHE A 371 -30.31 11.95 7.92
N GLU A 372 -30.01 12.82 8.87
CA GLU A 372 -29.27 12.42 10.07
C GLU A 372 -30.09 11.51 10.96
N ARG A 373 -31.39 11.73 10.99
CA ARG A 373 -32.29 10.93 11.79
C ARG A 373 -32.40 9.54 11.19
N LEU A 374 -32.56 9.50 9.87
CA LEU A 374 -32.59 8.24 9.14
C LEU A 374 -31.28 7.49 9.34
N ASP A 375 -30.11 8.17 9.31
CA ASP A 375 -28.82 7.50 9.48
C ASP A 375 -28.60 7.07 10.92
N GLN A 376 -29.16 7.76 11.92
CA GLN A 376 -29.05 7.30 13.30
C GLN A 376 -29.98 6.11 13.50
N LEU A 377 -31.14 6.01 12.85
CA LEU A 377 -31.90 4.74 12.87
C LEU A 377 -31.10 3.57 12.26
N ALA A 378 -30.30 3.84 11.20
CA ALA A 378 -29.45 2.81 10.61
C ALA A 378 -28.34 2.41 11.58
N MET A 379 -27.77 3.37 12.31
CA MET A 379 -26.79 3.15 13.34
C MET A 379 -27.38 2.30 14.45
N ASP A 380 -28.58 2.58 14.96
CA ASP A 380 -29.18 1.77 16.01
C ASP A 380 -29.46 0.37 15.55
N HIS A 381 -29.91 0.14 14.30
CA HIS A 381 -30.04 -1.22 13.79
C HIS A 381 -28.77 -2.02 13.68
N LEU A 382 -27.71 -1.42 13.15
CA LEU A 382 -26.44 -2.10 13.03
C LEU A 382 -25.93 -2.51 14.38
N LEU A 383 -26.08 -1.64 15.35
CA LEU A 383 -25.51 -1.94 16.66
C LEU A 383 -26.44 -2.76 17.53
N GLY A 384 -27.62 -3.09 17.01
CA GLY A 384 -28.62 -3.82 17.76
C GLY A 384 -29.10 -3.05 18.96
N ALA A 385 -29.19 -1.71 18.89
CA ALA A 385 -29.71 -0.86 19.94
C ALA A 385 -31.10 -0.38 19.50
N ARG A 386 -31.77 -1.31 18.82
CA ARG A 386 -33.06 -1.23 18.15
C ARG A 386 -33.30 -2.64 17.55
N SER B 1 29.21 18.17 -15.93
CA SER B 1 28.07 17.28 -15.81
C SER B 1 27.72 16.93 -14.36
N TYR B 2 27.01 15.82 -14.13
CA TYR B 2 26.51 15.50 -12.81
C TYR B 2 27.07 14.18 -12.31
N GLN B 3 28.40 14.09 -12.27
CA GLN B 3 29.01 12.82 -11.92
C GLN B 3 29.21 12.74 -10.42
N PRO B 4 28.74 11.70 -9.77
CA PRO B 4 28.96 11.53 -8.34
C PRO B 4 30.41 11.17 -8.03
N THR B 5 30.90 11.71 -6.92
CA THR B 5 32.23 11.41 -6.44
C THR B 5 32.05 11.10 -4.96
N PRO B 6 32.95 10.37 -4.28
CA PRO B 6 32.80 10.10 -2.85
C PRO B 6 32.64 11.32 -1.96
N GLU B 7 32.97 12.50 -2.45
CA GLU B 7 32.80 13.72 -1.71
C GLU B 7 31.35 14.06 -1.50
N ASP B 8 30.46 13.54 -2.36
CA ASP B 8 29.02 13.77 -2.25
C ASP B 8 28.30 12.93 -1.19
N ARG B 9 29.02 12.03 -0.47
CA ARG B 9 28.46 11.20 0.60
C ARG B 9 27.24 10.37 0.24
N PHE B 10 27.14 9.94 -1.00
CA PHE B 10 26.06 9.07 -1.41
C PHE B 10 26.25 7.65 -0.92
N THR B 11 25.30 7.09 -0.17
CA THR B 11 25.42 5.72 0.32
C THR B 11 24.20 4.88 -0.06
N PHE B 12 24.36 3.56 -0.06
CA PHE B 12 23.29 2.65 -0.50
C PHE B 12 23.25 1.45 0.41
N GLY B 13 22.05 0.93 0.72
CA GLY B 13 21.95 -0.28 1.51
C GLY B 13 22.28 -1.50 0.68
N LEU B 14 22.85 -2.56 1.25
CA LEU B 14 23.10 -3.80 0.48
C LEU B 14 21.80 -4.42 -0.04
N TRP B 15 20.72 -4.18 0.68
CA TRP B 15 19.38 -4.64 0.32
C TRP B 15 18.69 -3.86 -0.81
N THR B 16 19.23 -2.73 -1.22
CA THR B 16 18.59 -1.89 -2.22
C THR B 16 18.89 -2.44 -3.61
N VAL B 17 20.13 -2.29 -4.14
CA VAL B 17 20.47 -2.82 -5.45
C VAL B 17 20.45 -4.35 -5.37
N GLY B 18 20.53 -4.92 -4.16
CA GLY B 18 20.49 -6.34 -3.96
C GLY B 18 19.09 -6.91 -3.85
N TRP B 19 18.00 -6.15 -4.00
CA TRP B 19 16.66 -6.72 -4.01
C TRP B 19 16.41 -7.55 -5.27
N GLN B 20 15.91 -8.75 -5.03
CA GLN B 20 15.69 -9.75 -6.04
C GLN B 20 14.37 -9.65 -6.73
N GLY B 21 13.44 -8.86 -6.21
CA GLY B 21 12.20 -8.65 -6.96
C GLY B 21 11.00 -9.44 -6.47
N ARG B 22 11.15 -10.11 -5.35
CA ARG B 22 10.09 -10.87 -4.73
C ARG B 22 9.15 -9.83 -4.12
N ASP B 23 7.89 -9.85 -4.51
CA ASP B 23 6.95 -8.93 -3.93
C ASP B 23 5.73 -9.68 -3.41
N PRO B 24 4.65 -9.09 -2.83
CA PRO B 24 3.50 -9.85 -2.32
C PRO B 24 2.86 -10.82 -3.32
N PHE B 25 2.86 -10.50 -4.63
CA PHE B 25 2.23 -11.32 -5.65
C PHE B 25 3.20 -11.95 -6.62
N GLY B 26 4.50 -12.08 -6.32
CA GLY B 26 5.44 -12.59 -7.30
C GLY B 26 6.77 -12.99 -6.72
N ASP B 27 7.33 -13.90 -7.48
CA ASP B 27 8.65 -14.40 -7.15
C ASP B 27 9.80 -13.55 -7.66
N ALA B 28 11.02 -13.91 -7.25
CA ALA B 28 12.23 -13.19 -7.65
C ALA B 28 12.46 -13.20 -9.14
N THR B 29 12.82 -12.03 -9.66
CA THR B 29 13.16 -11.87 -11.09
C THR B 29 14.66 -11.68 -11.30
N ARG B 30 15.42 -11.55 -10.20
CA ARG B 30 16.87 -11.39 -10.26
C ARG B 30 17.57 -12.34 -9.29
N PRO B 31 18.80 -12.75 -9.62
CA PRO B 31 19.68 -13.50 -8.72
C PRO B 31 20.21 -12.66 -7.58
N ALA B 32 20.53 -13.32 -6.45
CA ALA B 32 21.13 -12.62 -5.34
C ALA B 32 22.47 -12.01 -5.73
N LEU B 33 22.79 -10.84 -5.19
CA LEU B 33 24.07 -10.21 -5.45
C LEU B 33 24.99 -10.56 -4.31
N ASP B 34 26.25 -10.80 -4.61
CA ASP B 34 27.26 -11.02 -3.60
C ASP B 34 27.52 -9.62 -3.00
N PRO B 35 27.59 -9.39 -1.67
CA PRO B 35 27.99 -8.15 -1.03
C PRO B 35 29.29 -7.56 -1.57
N VAL B 36 30.26 -8.45 -1.87
CA VAL B 36 31.56 -8.03 -2.37
C VAL B 36 31.42 -7.39 -3.75
N GLU B 37 30.62 -7.96 -4.65
CA GLU B 37 30.46 -7.33 -5.95
C GLU B 37 29.64 -6.03 -5.89
N THR B 38 28.73 -5.92 -4.90
CA THR B 38 27.95 -4.71 -4.68
C THR B 38 28.89 -3.62 -4.21
N VAL B 39 29.83 -3.89 -3.30
CA VAL B 39 30.75 -2.86 -2.83
C VAL B 39 31.59 -2.34 -3.99
N GLN B 40 32.06 -3.19 -4.91
CA GLN B 40 32.88 -2.66 -5.96
C GLN B 40 32.15 -2.03 -7.09
N ARG B 41 30.96 -2.51 -7.47
CA ARG B 41 30.18 -1.84 -8.49
C ARG B 41 29.72 -0.44 -8.02
N LEU B 42 29.26 -0.26 -6.78
CA LEU B 42 28.89 1.04 -6.22
C LEU B 42 30.10 1.96 -6.10
N ALA B 43 31.30 1.49 -5.73
CA ALA B 43 32.49 2.37 -5.68
C ALA B 43 32.80 2.95 -7.05
N GLU B 44 32.62 2.16 -8.12
CA GLU B 44 32.77 2.60 -9.51
C GLU B 44 31.75 3.61 -9.97
N LEU B 45 30.54 3.54 -9.42
CA LEU B 45 29.47 4.48 -9.73
C LEU B 45 29.70 5.82 -9.04
N GLY B 46 30.59 5.87 -8.04
CA GLY B 46 30.90 7.12 -7.40
C GLY B 46 30.33 7.17 -6.01
N ALA B 47 29.81 6.05 -5.51
CA ALA B 47 29.26 6.03 -4.18
C ALA B 47 30.33 6.17 -3.13
N HIS B 48 29.92 6.54 -1.95
CA HIS B 48 30.82 6.76 -0.87
C HIS B 48 30.85 5.61 0.10
N GLY B 49 29.72 4.93 0.26
CA GLY B 49 29.70 3.84 1.20
C GLY B 49 28.44 3.01 1.09
N VAL B 50 28.37 2.01 1.96
CA VAL B 50 27.28 1.06 1.96
C VAL B 50 26.78 0.86 3.40
N THR B 51 25.53 0.43 3.56
CA THR B 51 24.97 0.15 4.88
C THR B 51 24.43 -1.26 4.85
N PHE B 52 24.13 -1.90 5.97
CA PHE B 52 23.65 -3.27 5.92
C PHE B 52 22.76 -3.59 7.10
N HIS B 53 21.91 -4.60 6.94
CA HIS B 53 21.21 -5.23 8.06
C HIS B 53 22.15 -6.40 8.37
N ASP B 54 22.21 -6.85 9.63
CA ASP B 54 22.95 -8.05 9.93
C ASP B 54 22.67 -9.21 8.98
N ASP B 55 21.40 -9.49 8.66
CA ASP B 55 21.09 -10.63 7.82
C ASP B 55 21.38 -10.41 6.34
N ASP B 56 21.69 -9.17 5.90
CA ASP B 56 22.16 -8.95 4.53
C ASP B 56 23.59 -9.44 4.39
N LEU B 57 24.44 -9.26 5.40
CA LEU B 57 25.84 -9.62 5.26
C LEU B 57 26.12 -11.04 5.71
N ILE B 58 25.43 -11.51 6.74
CA ILE B 58 25.65 -12.82 7.35
C ILE B 58 24.31 -13.53 7.32
N PRO B 59 24.09 -14.53 6.48
CA PRO B 59 22.82 -15.27 6.40
C PRO B 59 22.36 -15.80 7.75
N PHE B 60 21.07 -15.63 8.05
CA PHE B 60 20.51 -16.04 9.33
C PHE B 60 20.83 -17.51 9.61
N GLY B 61 21.21 -17.75 10.87
CA GLY B 61 21.62 -19.09 11.30
C GLY B 61 23.06 -19.43 10.92
N SER B 62 23.96 -18.50 10.57
CA SER B 62 25.35 -18.85 10.30
C SER B 62 26.04 -19.18 11.61
N SER B 63 26.79 -20.29 11.47
CA SER B 63 27.68 -20.72 12.52
C SER B 63 28.71 -19.62 12.63
N ASP B 64 29.33 -19.47 13.78
CA ASP B 64 30.27 -18.38 13.93
C ASP B 64 31.50 -18.42 13.05
N THR B 65 31.86 -19.55 12.44
CA THR B 65 32.97 -19.55 11.50
C THR B 65 32.49 -18.99 10.18
N GLU B 66 31.29 -19.35 9.72
CA GLU B 66 30.69 -18.80 8.53
C GLU B 66 30.44 -17.31 8.71
N ARG B 67 30.02 -16.89 9.89
CA ARG B 67 29.82 -15.49 10.18
C ARG B 67 31.13 -14.71 9.96
N GLU B 68 32.22 -15.17 10.58
CA GLU B 68 33.55 -14.57 10.51
C GLU B 68 34.08 -14.51 9.09
N SER B 69 33.82 -15.54 8.30
CA SER B 69 34.27 -15.61 6.94
C SER B 69 33.58 -14.54 6.08
N HIS B 70 32.27 -14.31 6.31
CA HIS B 70 31.47 -13.31 5.59
C HIS B 70 31.92 -11.90 5.86
N ILE B 71 32.19 -11.62 7.12
CA ILE B 71 32.64 -10.31 7.55
C ILE B 71 34.02 -10.05 6.97
N LYS B 72 34.91 -11.04 7.06
CA LYS B 72 36.25 -10.97 6.54
C LYS B 72 36.29 -10.62 5.07
N ARG B 73 35.59 -11.31 4.20
CA ARG B 73 35.64 -10.93 2.80
C ARG B 73 34.93 -9.62 2.47
N PHE B 74 34.00 -9.19 3.31
CA PHE B 74 33.30 -7.93 3.11
C PHE B 74 34.28 -6.81 3.42
N ARG B 75 34.94 -6.97 4.57
CA ARG B 75 35.90 -6.00 5.07
C ARG B 75 37.07 -5.80 4.10
N GLN B 76 37.49 -6.85 3.39
CA GLN B 76 38.55 -6.69 2.42
C GLN B 76 37.99 -6.05 1.15
N ALA B 77 36.71 -6.19 0.76
CA ALA B 77 36.19 -5.45 -0.39
C ALA B 77 36.21 -3.96 -0.05
N LEU B 78 35.85 -3.66 1.18
CA LEU B 78 35.79 -2.31 1.69
C LEU B 78 37.16 -1.63 1.68
N ASP B 79 38.14 -2.35 2.23
CA ASP B 79 39.50 -1.85 2.25
C ASP B 79 40.12 -1.63 0.88
N ALA B 80 39.85 -2.48 -0.12
CA ALA B 80 40.39 -2.33 -1.46
C ALA B 80 39.76 -1.16 -2.19
N THR B 81 38.53 -0.73 -1.84
CA THR B 81 37.88 0.36 -2.56
C THR B 81 37.93 1.72 -1.89
N GLY B 82 38.19 1.77 -0.59
CA GLY B 82 38.07 3.02 0.13
C GLY B 82 36.63 3.33 0.49
N MET B 83 35.70 2.37 0.35
CA MET B 83 34.28 2.50 0.74
C MET B 83 34.10 2.45 2.23
N THR B 84 33.15 3.23 2.76
CA THR B 84 32.93 3.29 4.19
C THR B 84 31.59 2.66 4.56
N VAL B 85 31.39 2.43 5.87
CA VAL B 85 30.14 1.89 6.38
C VAL B 85 29.68 2.93 7.38
N PRO B 86 28.84 3.92 7.00
CA PRO B 86 28.35 4.94 7.92
C PRO B 86 27.25 4.48 8.87
N MET B 87 26.51 3.47 8.47
CA MET B 87 25.34 3.09 9.20
C MET B 87 25.09 1.60 9.09
N ALA B 88 24.50 1.00 10.12
CA ALA B 88 24.05 -0.39 10.06
C ALA B 88 22.77 -0.51 10.85
N THR B 89 22.11 -1.64 10.75
CA THR B 89 20.80 -1.84 11.35
C THR B 89 20.63 -3.34 11.47
N THR B 90 19.53 -3.73 12.10
CA THR B 90 19.22 -5.12 12.40
C THR B 90 17.99 -5.53 11.60
N ASN B 91 17.91 -6.78 11.16
CA ASN B 91 16.68 -7.21 10.56
C ASN B 91 15.83 -7.83 11.70
N LEU B 92 14.78 -7.12 12.13
CA LEU B 92 13.85 -7.64 13.14
C LEU B 92 12.45 -7.76 12.50
N PHE B 93 12.36 -8.12 11.21
CA PHE B 93 11.08 -8.18 10.50
C PHE B 93 10.92 -9.36 9.56
N THR B 94 11.99 -9.93 9.00
CA THR B 94 11.91 -11.05 8.06
C THR B 94 11.62 -12.40 8.62
N HIS B 95 12.34 -12.83 9.66
CA HIS B 95 12.11 -14.17 10.19
C HIS B 95 10.72 -14.28 10.79
N PRO B 96 9.99 -15.41 10.61
CA PRO B 96 8.71 -15.70 11.26
C PRO B 96 8.63 -15.42 12.76
N VAL B 97 9.71 -15.44 13.54
CA VAL B 97 9.65 -15.22 14.98
C VAL B 97 9.28 -13.77 15.25
N PHE B 98 9.53 -12.86 14.28
CA PHE B 98 9.23 -11.44 14.47
C PHE B 98 7.83 -11.08 13.91
N LYS B 99 6.93 -12.08 13.75
CA LYS B 99 5.64 -11.80 13.11
C LYS B 99 4.78 -10.89 13.96
N ASP B 100 5.02 -10.80 15.27
CA ASP B 100 4.33 -9.80 16.07
C ASP B 100 5.26 -8.69 16.58
N GLY B 101 6.42 -8.47 15.96
CA GLY B 101 7.34 -7.46 16.46
C GLY B 101 8.61 -8.07 17.01
N GLY B 102 9.51 -7.15 17.30
CA GLY B 102 10.79 -7.49 17.92
C GLY B 102 10.73 -6.94 19.31
N PHE B 103 10.89 -5.63 19.46
CA PHE B 103 10.91 -5.01 20.78
C PHE B 103 9.60 -4.92 21.50
N THR B 104 8.47 -5.02 20.77
CA THR B 104 7.12 -4.93 21.36
C THR B 104 6.24 -6.16 21.07
N ALA B 105 6.90 -7.29 20.75
CA ALA B 105 6.22 -8.56 20.57
C ALA B 105 5.51 -8.90 21.88
N ASN B 106 4.30 -9.46 21.87
CA ASN B 106 3.65 -9.84 23.09
C ASN B 106 4.44 -10.90 23.85
N ASP B 107 5.09 -11.85 23.16
CA ASP B 107 5.94 -12.83 23.80
C ASP B 107 7.23 -12.19 24.29
N ARG B 108 7.42 -12.28 25.60
CA ARG B 108 8.61 -11.80 26.28
C ARG B 108 9.90 -12.45 25.83
N ASP B 109 9.92 -13.76 25.57
CA ASP B 109 11.17 -14.37 25.16
C ASP B 109 11.65 -13.84 23.81
N VAL B 110 10.69 -13.50 22.92
CA VAL B 110 11.01 -12.96 21.61
C VAL B 110 11.56 -11.56 21.78
N ARG B 111 11.05 -10.77 22.70
CA ARG B 111 11.59 -9.44 22.93
C ARG B 111 13.03 -9.49 23.45
N ARG B 112 13.41 -10.49 24.26
CA ARG B 112 14.79 -10.64 24.76
C ARG B 112 15.71 -11.08 23.62
N TYR B 113 15.26 -12.00 22.77
CA TYR B 113 16.00 -12.43 21.60
C TYR B 113 16.24 -11.25 20.63
N ALA B 114 15.22 -10.39 20.42
CA ALA B 114 15.30 -9.24 19.53
C ALA B 114 16.39 -8.29 20.05
N LEU B 115 16.46 -8.05 21.37
CA LEU B 115 17.51 -7.24 21.97
C LEU B 115 18.90 -7.89 21.84
N ARG B 116 19.06 -9.20 22.03
CA ARG B 116 20.35 -9.87 21.87
C ARG B 116 20.80 -9.86 20.40
N LYS B 117 19.91 -10.04 19.41
CA LYS B 117 20.24 -10.00 17.99
C LYS B 117 20.74 -8.61 17.60
N THR B 118 20.09 -7.56 18.13
CA THR B 118 20.50 -6.17 17.96
C THR B 118 21.85 -5.85 18.62
N ILE B 119 22.12 -6.26 19.88
CA ILE B 119 23.39 -5.94 20.55
C ILE B 119 24.55 -6.59 19.78
N ARG B 120 24.41 -7.83 19.32
CA ARG B 120 25.43 -8.47 18.52
C ARG B 120 25.78 -7.67 17.27
N ASN B 121 24.79 -7.10 16.57
CA ASN B 121 25.09 -6.29 15.43
C ASN B 121 25.58 -4.90 15.77
N ILE B 122 25.30 -4.33 16.95
CA ILE B 122 25.91 -3.07 17.35
C ILE B 122 27.43 -3.25 17.47
N ASP B 123 27.92 -4.38 18.01
CA ASP B 123 29.36 -4.62 18.13
C ASP B 123 30.00 -4.70 16.78
N LEU B 124 29.35 -5.40 15.86
CA LEU B 124 29.89 -5.48 14.53
C LEU B 124 29.91 -4.13 13.82
N ALA B 125 28.83 -3.33 13.88
CA ALA B 125 28.77 -2.02 13.23
C ALA B 125 29.86 -1.04 13.69
N VAL B 126 30.08 -0.95 15.01
CA VAL B 126 31.12 -0.13 15.60
C VAL B 126 32.50 -0.62 15.08
N GLU B 127 32.80 -1.94 14.95
CA GLU B 127 34.06 -2.43 14.37
C GLU B 127 34.29 -1.97 12.96
N LEU B 128 33.23 -1.90 12.14
CA LEU B 128 33.36 -1.45 10.76
C LEU B 128 33.31 0.05 10.65
N GLY B 129 33.12 0.80 11.74
CA GLY B 129 33.20 2.26 11.71
C GLY B 129 31.87 2.99 11.52
N ALA B 130 30.75 2.32 11.81
CA ALA B 130 29.43 2.92 11.70
C ALA B 130 29.23 3.87 12.84
N LYS B 131 28.69 5.04 12.50
CA LYS B 131 28.43 6.00 13.55
C LYS B 131 26.95 6.15 13.93
N THR B 132 26.05 5.62 13.09
CA THR B 132 24.62 5.71 13.31
C THR B 132 24.07 4.31 13.30
N TYR B 133 23.18 3.99 14.20
CA TYR B 133 22.60 2.68 14.21
C TYR B 133 21.10 2.95 14.10
N VAL B 134 20.54 2.46 12.97
CA VAL B 134 19.13 2.64 12.67
C VAL B 134 18.27 1.50 13.18
N ALA B 135 17.08 1.89 13.61
CA ALA B 135 16.08 0.97 14.10
C ALA B 135 14.79 1.27 13.35
N TRP B 136 14.40 0.37 12.43
CA TRP B 136 13.13 0.47 11.72
C TRP B 136 12.29 -0.67 12.31
N GLY B 137 11.31 -0.31 13.15
CA GLY B 137 10.44 -1.30 13.74
C GLY B 137 9.28 -1.64 12.82
N GLY B 138 9.51 -2.28 11.69
CA GLY B 138 8.45 -2.60 10.72
C GLY B 138 7.39 -3.55 11.20
N ARG B 139 7.69 -4.37 12.20
CA ARG B 139 6.73 -5.32 12.76
C ARG B 139 6.12 -4.88 14.08
N GLU B 140 6.47 -3.68 14.59
CA GLU B 140 5.87 -3.19 15.84
C GLU B 140 4.52 -2.55 15.51
N GLY B 141 3.42 -3.17 15.87
CA GLY B 141 2.14 -2.63 15.49
C GLY B 141 1.11 -3.70 15.61
N ALA B 142 0.08 -3.57 14.78
CA ALA B 142 -1.11 -4.42 14.84
C ALA B 142 -2.03 -4.30 13.63
N GLU B 143 -2.86 -5.33 13.38
CA GLU B 143 -3.90 -5.24 12.37
C GLU B 143 -5.27 -5.09 13.04
N SER B 144 -5.37 -5.34 14.35
CA SER B 144 -6.63 -5.29 15.08
C SER B 144 -6.41 -4.61 16.44
N GLY B 145 -7.49 -4.02 16.96
CA GLY B 145 -7.45 -3.17 18.15
C GLY B 145 -7.05 -3.80 19.46
N ALA B 146 -7.49 -5.01 19.81
CA ALA B 146 -7.15 -5.61 21.12
C ALA B 146 -5.84 -6.40 21.16
N ALA B 147 -5.23 -6.60 19.99
CA ALA B 147 -3.98 -7.34 19.86
C ALA B 147 -2.75 -6.72 20.51
N LYS B 148 -2.79 -5.41 20.64
CA LYS B 148 -1.68 -4.61 21.15
C LYS B 148 -2.22 -3.50 22.02
N ASP B 149 -1.88 -3.49 23.31
CA ASP B 149 -2.20 -2.37 24.16
C ASP B 149 -1.09 -1.40 23.84
N VAL B 150 -1.37 -0.29 23.16
CA VAL B 150 -0.32 0.62 22.78
C VAL B 150 0.40 1.35 23.92
N ARG B 151 -0.20 1.73 25.06
CA ARG B 151 0.53 2.32 26.15
C ARG B 151 1.54 1.36 26.73
N VAL B 152 1.20 0.06 26.82
CA VAL B 152 2.14 -0.92 27.32
C VAL B 152 3.20 -1.22 26.28
N ALA B 153 2.82 -1.27 25.00
CA ALA B 153 3.81 -1.49 23.93
C ALA B 153 4.85 -0.37 23.90
N LEU B 154 4.47 0.87 24.24
CA LEU B 154 5.40 1.98 24.26
C LEU B 154 6.29 1.90 25.48
N ASP B 155 5.80 1.31 26.58
CA ASP B 155 6.65 1.03 27.75
C ASP B 155 7.72 0.00 27.37
N ARG B 156 7.36 -1.11 26.71
CA ARG B 156 8.33 -2.05 26.17
C ARG B 156 9.29 -1.45 25.14
N MET B 157 8.83 -0.51 24.31
CA MET B 157 9.68 0.10 23.32
C MET B 157 10.65 1.04 24.02
N LYS B 158 10.21 1.79 25.03
CA LYS B 158 11.10 2.65 25.78
C LYS B 158 12.13 1.78 26.51
N GLU B 159 11.65 0.71 27.12
CA GLU B 159 12.54 -0.22 27.80
C GLU B 159 13.64 -0.75 26.89
N ALA B 160 13.36 -1.16 25.66
CA ALA B 160 14.34 -1.66 24.74
C ALA B 160 15.34 -0.58 24.36
N PHE B 161 14.92 0.66 24.06
CA PHE B 161 15.84 1.73 23.65
C PHE B 161 16.66 2.21 24.80
N ASP B 162 16.13 2.24 26.02
CA ASP B 162 16.95 2.58 27.19
C ASP B 162 18.03 1.53 27.49
N LEU B 163 17.71 0.22 27.35
CA LEU B 163 18.70 -0.84 27.51
C LEU B 163 19.80 -0.82 26.45
N LEU B 164 19.50 -0.47 25.19
CA LEU B 164 20.51 -0.31 24.17
C LEU B 164 21.33 0.90 24.52
N GLY B 165 20.78 1.97 25.07
CA GLY B 165 21.56 3.16 25.42
C GLY B 165 22.51 2.89 26.59
N GLU B 166 22.04 2.13 27.57
CA GLU B 166 22.85 1.72 28.68
C GLU B 166 24.02 0.87 28.21
N TYR B 167 23.77 0.00 27.23
CA TYR B 167 24.78 -0.88 26.70
C TYR B 167 25.84 -0.11 25.96
N VAL B 168 25.51 0.78 25.02
CA VAL B 168 26.58 1.45 24.29
C VAL B 168 27.36 2.43 25.16
N THR B 169 26.70 3.02 26.14
CA THR B 169 27.30 3.90 27.13
C THR B 169 28.31 3.08 27.99
N SER B 170 27.98 1.86 28.48
CA SER B 170 28.89 1.08 29.30
C SER B 170 30.04 0.57 28.45
N GLN B 171 29.84 0.37 27.17
CA GLN B 171 30.92 0.01 26.29
C GLN B 171 31.73 1.24 25.92
N GLY B 172 31.21 2.45 26.13
CA GLY B 172 31.88 3.66 25.72
C GLY B 172 32.02 3.69 24.20
N TYR B 173 30.97 3.25 23.48
CA TYR B 173 30.92 3.27 22.04
C TYR B 173 30.48 4.64 21.58
N ASP B 174 31.05 5.11 20.48
CA ASP B 174 30.67 6.37 19.88
C ASP B 174 29.80 5.98 18.70
N THR B 175 28.51 5.87 18.98
CA THR B 175 27.51 5.44 18.03
C THR B 175 26.24 6.10 18.56
N ARG B 176 25.36 6.52 17.67
CA ARG B 176 24.07 7.05 18.07
C ARG B 176 22.97 6.31 17.32
N PHE B 177 21.74 6.40 17.82
CA PHE B 177 20.61 5.69 17.25
C PHE B 177 19.72 6.60 16.48
N ALA B 178 19.19 6.10 15.39
CA ALA B 178 18.20 6.86 14.65
C ALA B 178 16.99 5.95 14.41
N ILE B 179 15.81 6.39 14.83
CA ILE B 179 14.54 5.72 14.65
C ILE B 179 14.00 6.11 13.28
N GLU B 180 13.65 5.08 12.53
CA GLU B 180 13.05 5.24 11.23
C GLU B 180 11.51 5.04 11.28
N PRO B 181 10.65 6.07 11.17
CA PRO B 181 9.18 5.94 11.20
C PRO B 181 8.54 5.46 9.89
N LYS B 182 7.48 4.68 9.97
CA LYS B 182 6.71 4.28 8.81
C LYS B 182 5.26 4.14 9.29
N PRO B 183 4.24 4.63 8.58
CA PRO B 183 2.86 4.63 9.11
C PRO B 183 2.21 3.27 9.10
N ASN B 184 2.52 2.44 8.09
CA ASN B 184 1.97 1.10 7.90
C ASN B 184 2.85 0.34 6.89
N GLU B 185 2.54 -0.96 6.79
CA GLU B 185 3.15 -1.95 5.93
C GLU B 185 4.54 -2.36 6.39
N PRO B 186 4.78 -3.60 6.85
CA PRO B 186 3.86 -4.73 6.74
C PRO B 186 2.74 -4.87 7.78
N ARG B 187 2.66 -4.09 8.86
CA ARG B 187 1.55 -4.16 9.81
C ARG B 187 0.48 -3.18 9.37
N GLY B 188 -0.74 -3.45 9.79
CA GLY B 188 -1.85 -2.58 9.48
C GLY B 188 -1.58 -1.16 9.91
N ASP B 189 -1.04 -1.02 11.12
CA ASP B 189 -0.59 0.26 11.61
C ASP B 189 0.70 -0.02 12.35
N ILE B 190 1.71 0.83 12.15
CA ILE B 190 3.00 0.66 12.82
C ILE B 190 3.10 1.70 13.93
N LEU B 191 3.70 1.37 15.10
CA LEU B 191 3.92 2.30 16.23
C LEU B 191 4.95 3.33 15.82
N LEU B 192 4.83 4.54 16.32
CA LEU B 192 5.63 5.72 15.94
C LEU B 192 5.54 5.90 14.42
N PRO B 193 4.33 6.16 13.88
CA PRO B 193 4.09 6.17 12.45
C PRO B 193 4.70 7.30 11.65
N THR B 194 5.13 8.43 12.23
CA THR B 194 5.68 9.54 11.44
C THR B 194 6.87 10.14 12.18
N VAL B 195 7.61 11.05 11.56
CA VAL B 195 8.71 11.79 12.19
C VAL B 195 8.31 12.40 13.52
N GLY B 196 7.12 13.02 13.55
CA GLY B 196 6.70 13.69 14.76
C GLY B 196 6.51 12.72 15.90
N HIS B 197 5.91 11.55 15.65
CA HIS B 197 5.71 10.59 16.72
C HIS B 197 7.02 10.01 17.24
N ALA B 198 8.01 9.76 16.37
CA ALA B 198 9.32 9.30 16.78
C ALA B 198 10.01 10.41 17.55
N LEU B 199 9.92 11.69 17.15
CA LEU B 199 10.55 12.80 17.86
C LEU B 199 9.98 12.98 19.27
N ALA B 200 8.65 12.83 19.41
CA ALA B 200 8.02 12.96 20.71
C ALA B 200 8.41 11.84 21.66
N PHE B 201 8.53 10.62 21.12
CA PHE B 201 8.92 9.44 21.86
C PHE B 201 10.34 9.54 22.46
N ILE B 202 11.26 10.07 21.66
CA ILE B 202 12.65 10.22 22.05
C ILE B 202 12.77 11.06 23.31
N GLU B 203 11.91 12.06 23.48
CA GLU B 203 11.98 12.92 24.65
C GLU B 203 11.64 12.22 25.95
N ARG B 204 11.02 11.04 25.86
CA ARG B 204 10.67 10.27 27.02
C ARG B 204 11.70 9.20 27.30
N LEU B 205 12.79 9.08 26.52
CA LEU B 205 13.81 8.08 26.83
C LEU B 205 14.77 8.60 27.88
N GLU B 206 15.47 7.69 28.56
CA GLU B 206 16.43 8.01 29.61
C GLU B 206 17.61 8.86 29.16
N ARG B 207 18.19 8.63 27.98
CA ARG B 207 19.30 9.43 27.50
C ARG B 207 18.89 10.04 26.17
N PRO B 208 17.99 11.05 26.05
CA PRO B 208 17.43 11.52 24.78
C PRO B 208 18.45 11.89 23.71
N GLU B 209 19.61 12.39 24.17
CA GLU B 209 20.69 12.83 23.31
C GLU B 209 21.36 11.79 22.41
N LEU B 210 21.16 10.54 22.75
CA LEU B 210 21.69 9.42 22.02
C LEU B 210 20.79 9.08 20.85
N TYR B 211 19.63 9.71 20.65
CA TYR B 211 18.66 9.23 19.67
C TYR B 211 18.12 10.34 18.83
N GLY B 212 17.94 10.03 17.55
CA GLY B 212 17.37 10.98 16.61
C GLY B 212 16.52 10.22 15.63
N VAL B 213 16.21 10.78 14.47
CA VAL B 213 15.36 10.15 13.46
C VAL B 213 16.08 9.92 12.15
N ASN B 214 15.68 8.87 11.45
CA ASN B 214 16.12 8.58 10.11
C ASN B 214 14.82 8.58 9.27
N PRO B 215 14.29 9.72 8.84
CA PRO B 215 13.08 9.85 8.04
C PRO B 215 13.34 9.35 6.64
N GLU B 216 12.27 8.80 6.04
CA GLU B 216 12.35 8.32 4.69
C GLU B 216 11.31 9.05 3.87
N VAL B 217 11.68 9.54 2.67
CA VAL B 217 10.78 10.29 1.79
C VAL B 217 9.41 9.65 1.62
N GLY B 218 9.40 8.42 1.11
CA GLY B 218 8.19 7.67 0.81
C GLY B 218 7.32 7.34 2.00
N HIS B 219 7.88 7.11 3.20
CA HIS B 219 7.11 6.78 4.40
C HIS B 219 6.19 7.91 4.86
N GLU B 220 6.69 9.16 4.88
CA GLU B 220 5.87 10.28 5.29
C GLU B 220 4.83 10.56 4.23
N GLN B 221 5.17 10.33 2.94
CA GLN B 221 4.22 10.49 1.84
C GLN B 221 3.11 9.46 1.81
N MET B 222 3.30 8.30 2.44
CA MET B 222 2.25 7.29 2.62
C MET B 222 1.16 7.75 3.59
N ALA B 223 1.45 8.76 4.42
CA ALA B 223 0.47 9.38 5.28
C ALA B 223 0.04 10.71 4.65
N GLY B 224 0.45 11.01 3.40
CA GLY B 224 0.10 12.26 2.71
C GLY B 224 0.73 13.54 3.29
N LEU B 225 1.82 13.39 4.06
CA LEU B 225 2.45 14.51 4.75
C LEU B 225 3.54 15.15 3.87
N ASN B 226 3.88 16.39 4.16
CA ASN B 226 4.90 17.11 3.42
C ASN B 226 6.27 16.77 4.00
N PHE B 227 7.06 16.00 3.25
CA PHE B 227 8.34 15.51 3.73
C PHE B 227 9.36 16.64 3.97
N PRO B 228 9.68 17.62 3.12
CA PRO B 228 10.45 18.81 3.50
C PRO B 228 9.94 19.47 4.78
N HIS B 229 8.65 19.57 5.11
CA HIS B 229 8.22 20.16 6.40
C HIS B 229 8.60 19.31 7.57
N GLY B 230 8.51 17.98 7.38
CA GLY B 230 8.83 17.02 8.41
C GLY B 230 10.32 17.06 8.72
N ILE B 231 11.16 17.15 7.69
CA ILE B 231 12.61 17.31 7.84
C ILE B 231 12.91 18.66 8.50
N ALA B 232 12.24 19.79 8.18
CA ALA B 232 12.49 21.06 8.83
C ALA B 232 12.23 20.99 10.32
N GLN B 233 11.21 20.25 10.77
CA GLN B 233 10.98 20.09 12.18
C GLN B 233 12.05 19.21 12.84
N ALA B 234 12.54 18.15 12.20
CA ALA B 234 13.61 17.33 12.73
C ALA B 234 14.90 18.14 12.83
N LEU B 235 15.24 18.98 11.84
CA LEU B 235 16.38 19.88 11.90
C LEU B 235 16.21 20.93 12.96
N TRP B 236 15.04 21.58 13.08
CA TRP B 236 14.76 22.54 14.15
C TRP B 236 14.97 21.89 15.51
N ALA B 237 14.59 20.63 15.71
CA ALA B 237 14.78 19.91 16.95
C ALA B 237 16.22 19.40 17.13
N GLY B 238 17.10 19.52 16.12
CA GLY B 238 18.47 19.03 16.22
C GLY B 238 18.59 17.50 16.17
N LYS B 239 17.63 16.81 15.53
CA LYS B 239 17.57 15.36 15.57
C LYS B 239 17.67 14.73 14.20
N LEU B 240 18.09 15.40 13.13
CA LEU B 240 18.21 14.70 11.87
C LEU B 240 19.61 14.12 11.78
N PHE B 241 19.69 12.88 12.27
CA PHE B 241 20.91 12.12 12.34
C PHE B 241 21.23 11.40 11.05
N HIS B 242 20.26 11.11 10.18
CA HIS B 242 20.47 10.36 8.94
C HIS B 242 19.23 10.61 8.10
N ILE B 243 19.20 10.27 6.81
CA ILE B 243 18.01 10.44 6.03
C ILE B 243 17.96 9.35 4.97
N ASP B 244 16.80 8.82 4.61
CA ASP B 244 16.67 7.87 3.52
C ASP B 244 15.87 8.50 2.41
N LEU B 245 16.51 8.48 1.25
CA LEU B 245 16.03 9.11 0.03
C LEU B 245 15.52 8.09 -0.97
N ASN B 246 14.28 8.32 -1.43
CA ASN B 246 13.68 7.51 -2.50
C ASN B 246 12.48 8.26 -3.07
N GLY B 247 11.55 7.61 -3.78
CA GLY B 247 10.38 8.28 -4.36
C GLY B 247 9.15 7.42 -4.08
N GLN B 248 8.00 8.06 -4.08
CA GLN B 248 6.75 7.40 -3.76
C GLN B 248 5.76 8.19 -4.57
N SER B 249 4.84 7.54 -5.28
CA SER B 249 3.84 8.32 -5.99
C SER B 249 2.48 8.26 -5.30
N GLY B 250 2.38 8.82 -4.09
CA GLY B 250 1.11 8.94 -3.40
C GLY B 250 0.91 7.94 -2.29
N ILE B 251 -0.33 7.94 -1.78
CA ILE B 251 -0.71 7.09 -0.68
C ILE B 251 -1.17 5.77 -1.31
N LYS B 252 -0.27 4.82 -1.12
CA LYS B 252 -0.46 3.45 -1.60
C LYS B 252 0.65 2.69 -0.95
N TYR B 253 0.83 1.42 -1.34
CA TYR B 253 1.93 0.64 -0.82
C TYR B 253 3.22 1.42 -1.11
N ASP B 254 4.14 0.97 -0.31
CA ASP B 254 5.48 1.49 -0.30
C ASP B 254 6.37 1.13 -1.51
N GLN B 255 6.57 2.07 -2.41
CA GLN B 255 7.22 1.79 -3.66
C GLN B 255 8.73 1.76 -3.71
N ASP B 256 9.40 2.64 -2.96
CA ASP B 256 10.86 2.74 -2.99
C ASP B 256 11.42 2.97 -4.36
N LEU B 257 10.79 3.88 -5.08
CA LEU B 257 11.27 4.26 -6.39
C LEU B 257 12.62 4.95 -6.26
N ARG B 258 13.39 5.15 -7.33
CA ARG B 258 14.65 5.86 -7.20
C ARG B 258 14.36 7.32 -6.85
N PHE B 259 15.28 7.93 -6.11
CA PHE B 259 15.13 9.31 -5.77
C PHE B 259 14.99 10.21 -7.04
N GLY B 260 14.08 11.18 -6.93
CA GLY B 260 13.78 12.08 -8.03
C GLY B 260 12.44 11.68 -8.60
N ALA B 261 12.19 10.35 -8.70
CA ALA B 261 10.90 9.85 -9.11
C ALA B 261 9.86 10.03 -7.99
N GLY B 262 8.59 9.91 -8.36
CA GLY B 262 7.49 10.13 -7.44
C GLY B 262 7.21 11.61 -7.41
N ASP B 263 7.24 12.28 -6.25
CA ASP B 263 6.96 13.69 -6.19
C ASP B 263 8.26 14.47 -6.40
N LEU B 264 8.45 14.90 -7.65
CA LEU B 264 9.63 15.62 -8.07
C LEU B 264 9.76 16.97 -7.37
N ARG B 265 8.70 17.77 -7.22
CA ARG B 265 8.83 19.08 -6.55
C ARG B 265 9.19 18.91 -5.08
N ALA B 266 8.70 17.87 -4.38
CA ALA B 266 9.10 17.65 -3.00
C ALA B 266 10.56 17.25 -2.92
N ALA B 267 11.11 16.52 -3.90
CA ALA B 267 12.55 16.18 -3.97
C ALA B 267 13.38 17.47 -4.11
N PHE B 268 12.95 18.45 -4.92
CA PHE B 268 13.61 19.75 -5.09
C PHE B 268 13.60 20.55 -3.81
N TRP B 269 12.45 20.65 -3.14
CA TRP B 269 12.37 21.39 -1.88
C TRP B 269 13.14 20.68 -0.78
N LEU B 270 13.23 19.34 -0.81
CA LEU B 270 14.02 18.60 0.15
C LEU B 270 15.52 18.93 -0.02
N VAL B 271 16.04 18.86 -1.25
CA VAL B 271 17.46 19.14 -1.49
C VAL B 271 17.80 20.61 -1.14
N ASP B 272 16.91 21.54 -1.53
CA ASP B 272 17.05 22.93 -1.17
C ASP B 272 17.19 23.03 0.34
N LEU B 273 16.33 22.36 1.12
CA LEU B 273 16.47 22.39 2.57
C LEU B 273 17.75 21.72 3.09
N LEU B 274 18.15 20.54 2.59
CA LEU B 274 19.30 19.87 3.15
C LEU B 274 20.54 20.68 2.89
N GLU B 275 20.60 21.25 1.69
CA GLU B 275 21.77 21.98 1.29
C GLU B 275 21.84 23.32 1.97
N SER B 276 20.74 24.07 2.09
CA SER B 276 20.85 25.33 2.80
C SER B 276 20.96 25.14 4.32
N ALA B 277 20.45 24.07 4.95
CA ALA B 277 20.58 23.87 6.39
C ALA B 277 21.96 23.36 6.72
N GLY B 278 22.71 22.94 5.71
CA GLY B 278 24.05 22.41 5.92
C GLY B 278 24.05 21.01 6.54
N TYR B 279 23.09 20.11 6.21
CA TYR B 279 23.08 18.74 6.66
C TYR B 279 24.41 18.10 6.22
N GLU B 280 25.13 17.46 7.13
CA GLU B 280 26.43 16.90 6.76
C GLU B 280 26.52 15.37 6.73
N GLY B 281 25.40 14.71 6.98
CA GLY B 281 25.37 13.27 7.01
C GLY B 281 25.29 12.67 5.62
N PRO B 282 25.28 11.35 5.57
CA PRO B 282 25.10 10.60 4.36
C PRO B 282 23.79 10.92 3.68
N ARG B 283 23.83 10.95 2.36
CA ARG B 283 22.65 11.00 1.53
C ARG B 283 22.46 9.53 1.11
N HIS B 284 21.72 8.82 1.93
CA HIS B 284 21.49 7.41 1.79
C HIS B 284 20.28 7.10 0.92
N PHE B 285 20.42 6.14 0.01
CA PHE B 285 19.35 5.75 -0.86
C PHE B 285 18.81 4.40 -0.43
N ASP B 286 17.58 4.40 0.02
CA ASP B 286 16.91 3.17 0.32
C ASP B 286 15.76 3.02 -0.65
N PHE B 287 16.07 2.40 -1.76
CA PHE B 287 15.15 2.28 -2.88
C PHE B 287 15.28 0.83 -3.35
N LYS B 288 14.38 0.42 -4.22
CA LYS B 288 14.38 -0.92 -4.80
C LYS B 288 14.26 -0.71 -6.29
N PRO B 289 15.23 -1.12 -7.13
CA PRO B 289 15.11 -1.10 -8.59
C PRO B 289 13.87 -1.91 -8.99
N PRO B 290 12.85 -1.46 -9.79
CA PRO B 290 11.66 -2.26 -10.13
C PRO B 290 11.96 -3.68 -10.56
N ARG B 291 11.11 -4.69 -10.29
CA ARG B 291 11.43 -6.07 -10.64
C ARG B 291 11.35 -6.34 -12.14
N THR B 292 10.93 -5.34 -12.93
CA THR B 292 10.92 -5.44 -14.38
C THR B 292 12.36 -5.46 -14.92
N GLU B 293 13.34 -4.98 -14.13
CA GLU B 293 14.72 -4.75 -14.53
C GLU B 293 15.72 -5.89 -14.30
N ASP B 294 16.69 -5.99 -15.22
CA ASP B 294 17.78 -6.91 -14.99
C ASP B 294 18.87 -6.18 -14.19
N ILE B 295 20.04 -6.83 -14.04
CA ILE B 295 21.16 -6.28 -13.29
C ILE B 295 21.67 -4.98 -13.91
N ASP B 296 21.62 -4.79 -15.22
CA ASP B 296 21.99 -3.52 -15.79
C ASP B 296 21.01 -2.42 -15.46
N GLY B 297 19.69 -2.70 -15.43
CA GLY B 297 18.70 -1.74 -15.00
C GLY B 297 18.88 -1.40 -13.52
N VAL B 298 19.36 -2.35 -12.70
CA VAL B 298 19.70 -2.12 -11.29
C VAL B 298 20.73 -1.02 -11.16
N TRP B 299 21.87 -1.09 -11.87
CA TRP B 299 22.92 -0.07 -11.73
C TRP B 299 22.52 1.24 -12.40
N ALA B 300 21.70 1.20 -13.46
CA ALA B 300 21.13 2.42 -14.02
C ALA B 300 20.21 3.18 -13.05
N SER B 301 19.40 2.44 -12.28
CA SER B 301 18.49 3.04 -11.30
C SER B 301 19.24 3.67 -10.14
N ALA B 302 20.33 2.98 -9.69
CA ALA B 302 21.21 3.44 -8.63
C ALA B 302 21.95 4.69 -9.06
N ALA B 303 22.44 4.66 -10.30
CA ALA B 303 23.11 5.82 -10.84
C ALA B 303 22.15 7.01 -10.99
N GLY B 304 20.88 6.78 -11.33
CA GLY B 304 19.89 7.84 -11.48
C GLY B 304 19.54 8.51 -10.17
N CYS B 305 19.62 7.74 -9.07
CA CYS B 305 19.45 8.27 -7.72
C CYS B 305 20.40 9.42 -7.41
N MET B 306 21.69 9.17 -7.65
CA MET B 306 22.74 10.17 -7.47
C MET B 306 22.66 11.32 -8.47
N ARG B 307 22.45 11.04 -9.77
CA ARG B 307 22.29 12.05 -10.79
C ARG B 307 21.18 13.01 -10.46
N ASN B 308 20.02 12.50 -10.01
CA ASN B 308 18.91 13.38 -9.73
C ASN B 308 19.16 14.26 -8.54
N TYR B 309 19.86 13.78 -7.51
CA TYR B 309 20.21 14.61 -6.39
C TYR B 309 21.14 15.72 -6.89
N LEU B 310 22.16 15.42 -7.73
CA LEU B 310 23.07 16.46 -8.20
C LEU B 310 22.40 17.46 -9.14
N ILE B 311 21.41 17.08 -9.97
CA ILE B 311 20.73 18.05 -10.83
C ILE B 311 19.89 18.94 -9.93
N LEU B 312 19.18 18.38 -8.97
CA LEU B 312 18.35 19.19 -8.11
C LEU B 312 19.16 20.09 -7.20
N LYS B 313 20.35 19.67 -6.79
CA LYS B 313 21.25 20.49 -5.98
C LYS B 313 21.62 21.77 -6.72
N GLU B 314 21.95 21.60 -7.98
CA GLU B 314 22.26 22.71 -8.85
C GLU B 314 21.10 23.66 -9.10
N ARG B 315 19.88 23.15 -9.31
CA ARG B 315 18.75 24.04 -9.53
C ARG B 315 18.34 24.78 -8.28
N ALA B 316 18.48 24.15 -7.12
CA ALA B 316 18.15 24.75 -5.84
C ALA B 316 19.12 25.88 -5.52
N ALA B 317 20.43 25.64 -5.75
CA ALA B 317 21.49 26.64 -5.59
C ALA B 317 21.30 27.78 -6.55
N ALA B 318 20.97 27.51 -7.80
CA ALA B 318 20.66 28.60 -8.72
C ALA B 318 19.44 29.43 -8.32
N PHE B 319 18.39 28.79 -7.79
CA PHE B 319 17.17 29.46 -7.36
C PHE B 319 17.46 30.46 -6.26
N ARG B 320 18.10 30.00 -5.18
CA ARG B 320 18.43 30.85 -4.06
C ARG B 320 19.46 31.93 -4.43
N ALA B 321 20.33 31.68 -5.43
CA ALA B 321 21.31 32.67 -5.80
C ALA B 321 20.77 33.76 -6.70
N ASP B 322 19.58 33.56 -7.26
CA ASP B 322 19.03 34.51 -8.22
C ASP B 322 18.53 35.79 -7.52
N PRO B 323 18.98 37.00 -7.94
CA PRO B 323 18.61 38.30 -7.37
C PRO B 323 17.14 38.58 -7.47
N GLU B 324 16.57 38.08 -8.55
CA GLU B 324 15.14 38.19 -8.74
C GLU B 324 14.32 37.33 -7.75
N VAL B 325 14.87 36.18 -7.34
CA VAL B 325 14.22 35.33 -6.35
C VAL B 325 14.43 36.01 -5.02
N GLN B 326 15.64 36.56 -4.76
CA GLN B 326 15.94 37.22 -3.50
C GLN B 326 15.01 38.41 -3.26
N GLU B 327 14.71 39.10 -4.35
CA GLU B 327 13.77 40.18 -4.35
C GLU B 327 12.32 39.70 -4.15
N ALA B 328 11.94 38.59 -4.81
CA ALA B 328 10.64 37.96 -4.63
C ALA B 328 10.45 37.51 -3.15
N LEU B 329 11.50 37.04 -2.46
CA LEU B 329 11.41 36.62 -1.06
C LEU B 329 11.15 37.82 -0.16
N ARG B 330 11.76 38.99 -0.38
CA ARG B 330 11.46 40.21 0.39
C ARG B 330 10.03 40.71 0.17
N ALA B 331 9.58 40.58 -1.08
CA ALA B 331 8.24 40.95 -1.45
C ALA B 331 7.23 40.07 -0.73
N SER B 332 7.54 38.80 -0.45
CA SER B 332 6.64 37.88 0.25
C SER B 332 6.90 37.88 1.74
N ARG B 333 7.80 38.78 2.14
CA ARG B 333 8.14 39.08 3.53
C ARG B 333 8.73 37.94 4.31
N LEU B 334 9.54 37.12 3.62
CA LEU B 334 10.27 36.09 4.33
C LEU B 334 11.37 36.61 5.27
N ASP B 335 11.86 37.83 5.02
CA ASP B 335 12.74 38.55 5.94
C ASP B 335 12.00 38.91 7.22
N GLU B 336 10.74 39.34 7.11
CA GLU B 336 9.99 39.65 8.32
C GLU B 336 9.65 38.45 9.17
N LEU B 337 9.57 37.25 8.57
CA LEU B 337 9.31 36.03 9.33
C LEU B 337 10.47 35.78 10.27
N ALA B 338 11.69 36.20 9.88
CA ALA B 338 12.87 36.00 10.71
C ALA B 338 12.98 36.99 11.85
N GLN B 339 12.21 38.09 11.83
CA GLN B 339 12.19 39.04 12.94
C GLN B 339 11.37 38.50 14.12
N PRO B 340 11.79 38.57 15.41
CA PRO B 340 10.99 38.22 16.59
C PRO B 340 9.67 38.98 16.62
N THR B 341 8.57 38.33 16.96
CA THR B 341 7.25 38.95 17.07
C THR B 341 7.21 40.06 18.09
N ALA B 342 7.77 39.76 19.27
CA ALA B 342 7.69 40.62 20.41
C ALA B 342 8.93 40.39 21.27
N ALA B 343 10.09 40.79 20.77
CA ALA B 343 11.31 40.77 21.58
C ALA B 343 11.21 41.85 22.68
N ASP B 344 10.42 42.91 22.46
CA ASP B 344 10.12 43.92 23.48
C ASP B 344 9.42 43.32 24.72
N GLY B 345 8.86 42.08 24.63
CA GLY B 345 8.23 41.37 25.74
C GLY B 345 6.72 41.51 25.82
N VAL B 346 6.06 40.68 26.67
CA VAL B 346 4.60 40.69 26.81
C VAL B 346 4.01 42.00 27.32
N GLN B 347 4.53 42.66 28.36
CA GLN B 347 3.94 43.90 28.84
C GLN B 347 4.09 45.05 27.85
N GLU B 348 5.18 45.10 27.07
CA GLU B 348 5.27 46.08 25.99
C GLU B 348 4.34 45.80 24.82
N LEU B 349 4.13 44.52 24.49
CA LEU B 349 3.16 44.15 23.47
C LEU B 349 1.76 44.51 23.96
N LEU B 350 1.44 44.30 25.24
CA LEU B 350 0.14 44.60 25.77
C LEU B 350 -0.18 46.10 25.81
N ALA B 351 0.87 46.89 26.03
CA ALA B 351 0.73 48.34 26.03
C ALA B 351 0.80 48.96 24.64
N ASP B 352 1.14 48.16 23.62
CA ASP B 352 1.30 48.65 22.29
C ASP B 352 -0.04 48.78 21.60
N ARG B 353 -0.52 50.03 21.51
CA ARG B 353 -1.79 50.28 20.84
C ARG B 353 -1.74 49.98 19.35
N THR B 354 -0.59 49.97 18.69
CA THR B 354 -0.60 49.66 17.26
C THR B 354 -0.73 48.17 16.96
N ALA B 355 -0.62 47.32 18.00
CA ALA B 355 -0.73 45.87 17.89
C ALA B 355 -2.19 45.44 18.01
N PHE B 356 -3.07 46.35 18.41
CA PHE B 356 -4.44 45.97 18.57
C PHE B 356 -5.45 47.06 18.38
N GLU B 357 -5.60 47.98 19.34
CA GLU B 357 -6.66 48.99 19.23
C GLU B 357 -6.52 49.96 18.06
N ASP B 358 -5.30 50.28 17.59
CA ASP B 358 -5.06 51.13 16.42
C ASP B 358 -4.46 50.39 15.20
N PHE B 359 -4.53 49.05 15.20
CA PHE B 359 -4.04 48.23 14.09
C PHE B 359 -5.06 48.31 12.96
N ASP B 360 -4.61 48.65 11.76
CA ASP B 360 -5.53 48.69 10.65
C ASP B 360 -5.52 47.33 9.97
N VAL B 361 -6.57 46.63 10.36
CA VAL B 361 -6.79 45.25 10.02
C VAL B 361 -7.12 45.09 8.56
N ASP B 362 -7.81 46.05 7.98
CA ASP B 362 -8.20 45.95 6.58
C ASP B 362 -7.10 46.36 5.66
N ALA B 363 -6.19 47.24 6.08
CA ALA B 363 -5.01 47.54 5.31
C ALA B 363 -4.09 46.33 5.31
N ALA B 364 -3.88 45.63 6.43
CA ALA B 364 -3.03 44.44 6.40
C ALA B 364 -3.69 43.32 5.60
N ALA B 365 -5.01 43.18 5.71
CA ALA B 365 -5.74 42.11 5.02
C ALA B 365 -5.62 42.23 3.50
N ALA B 366 -5.45 43.47 3.05
CA ALA B 366 -5.36 43.73 1.63
C ALA B 366 -3.98 43.53 1.03
N ARG B 367 -2.90 43.32 1.80
CA ARG B 367 -1.59 43.13 1.20
C ARG B 367 -1.51 41.72 0.65
N GLY B 368 -1.23 41.56 -0.65
CA GLY B 368 -1.11 40.23 -1.24
C GLY B 368 0.18 39.61 -0.80
N MET B 369 0.27 38.28 -0.73
CA MET B 369 1.51 37.69 -0.26
C MET B 369 2.53 37.50 -1.40
N ALA B 370 2.15 37.64 -2.69
CA ALA B 370 3.06 37.44 -3.84
C ALA B 370 3.76 36.06 -3.90
N PHE B 371 3.05 35.05 -3.38
CA PHE B 371 3.56 33.69 -3.27
C PHE B 371 3.48 32.98 -4.58
N GLU B 372 2.55 33.29 -5.48
CA GLU B 372 2.47 32.58 -6.75
C GLU B 372 3.55 32.96 -7.73
N ARG B 373 3.95 34.23 -7.71
CA ARG B 373 5.08 34.72 -8.51
C ARG B 373 6.38 34.03 -8.09
N LEU B 374 6.59 34.07 -6.77
CA LEU B 374 7.69 33.37 -6.16
C LEU B 374 7.73 31.88 -6.53
N ASP B 375 6.60 31.16 -6.49
CA ASP B 375 6.57 29.74 -6.78
C ASP B 375 6.79 29.46 -8.26
N GLN B 376 6.44 30.38 -9.14
CA GLN B 376 6.68 30.21 -10.57
C GLN B 376 8.15 30.49 -10.87
N LEU B 377 8.85 31.37 -10.13
CA LEU B 377 10.31 31.49 -10.27
C LEU B 377 11.01 30.18 -9.86
N ALA B 378 10.47 29.52 -8.83
CA ALA B 378 10.98 28.23 -8.37
C ALA B 378 10.76 27.18 -9.43
N MET B 379 9.56 27.19 -10.01
CA MET B 379 9.23 26.29 -11.10
C MET B 379 10.16 26.50 -12.30
N ASP B 380 10.37 27.75 -12.72
CA ASP B 380 11.26 28.07 -13.83
C ASP B 380 12.66 27.59 -13.55
N HIS B 381 13.19 27.79 -12.32
CA HIS B 381 14.49 27.25 -11.99
C HIS B 381 14.56 25.74 -11.97
N LEU B 382 13.55 25.04 -11.47
CA LEU B 382 13.56 23.61 -11.44
C LEU B 382 13.59 23.08 -12.86
N LEU B 383 12.80 23.63 -13.76
CA LEU B 383 12.75 23.12 -15.13
C LEU B 383 13.88 23.66 -16.00
N GLY B 384 14.77 24.48 -15.45
CA GLY B 384 15.82 25.10 -16.24
C GLY B 384 15.26 26.06 -17.28
N ALA B 385 14.07 26.66 -17.05
CA ALA B 385 13.49 27.64 -17.96
C ALA B 385 14.04 29.02 -17.67
N ARG B 386 14.96 29.09 -16.71
CA ARG B 386 15.81 30.23 -16.39
C ARG B 386 16.99 29.69 -15.55
C1 3MF C . -5.24 -9.37 -6.03
C2 3MF C . -6.39 -10.34 -6.02
C3 3MF C . -6.12 -11.82 -6.39
C4 3MF C . -7.30 -12.32 -7.25
C5 3MF C . -6.93 -13.53 -8.12
C6 3MF C . -8.12 -14.23 -8.73
C7 3MF C . -4.65 -13.19 -5.04
O1 3MF C . -5.35 -8.37 -5.06
O2 3MF C . -7.48 -9.91 -5.72
O3 3MF C . -5.93 -12.60 -5.21
O4 3MF C . -8.45 -12.59 -6.46
O5 3MF C . -6.08 -13.21 -9.18
O6 3MF C . -9.17 -13.33 -8.95
MG MG D . -9.88 -10.50 -5.54
MG MG E . -6.82 -7.45 -2.43
MG MG E . -7.37 -8.47 -3.68
C1 3MF F . 11.28 -0.63 4.85
C2 3MF F . 12.55 0.06 5.33
C3 3MF F . 13.85 -0.77 5.60
C4 3MF F . 14.84 0.10 6.46
C5 3MF F . 15.96 -0.74 7.10
C6 3MF F . 17.06 0.04 7.85
C7 3MF F . 14.05 -2.29 3.67
O1 3MF F . 10.25 0.32 4.78
O2 3MF F . 12.56 1.27 5.31
O3 3MF F . 14.47 -1.13 4.37
O4 3MF F . 15.42 1.09 5.65
O5 3MF F . 15.38 -1.67 7.98
O6 3MF F . 16.85 1.43 7.89
MG MG G . 14.19 3.18 5.03
MG MG H . 9.76 2.19 1.97
MG MG H . 11.13 2.00 3.08
#